data_5ZH8
#
_entry.id   5ZH8
#
_cell.length_a   105.391
_cell.length_b   128.234
_cell.length_c   107.599
_cell.angle_alpha   90.00
_cell.angle_beta   90.00
_cell.angle_gamma   90.00
#
_symmetry.space_group_name_H-M   'C 2 2 21'
#
loop_
_entity.id
_entity.type
_entity.pdbx_description
1 polymer 'Protein FmtA'
2 non-polymer GLYCEROL
3 water water
#
_entity_poly.entity_id   1
_entity_poly.type   'polypeptide(L)'
_entity_poly.pdbx_seq_one_letter_code
;MKFNKVKLVIHACVLLFIIISIALIFHRLQTKTHSIDPIHKETKLSDNEKYLVDRNKEKVAPSKLKEVYNSKDPKYKKID
KYLQSSLFNGSVAIYENGKLKMSKGYGYQDFEKGIKNTPNTMFLIGSAQKFSTGLLLKQLEEEHKININDPVSKYLPWFK
TSKPIPLKDLMLHQSGLYKYKSSKDYKNLDQAVKAIQKRGIDPKKYKKHMYNDGNYLVLAKVIEEVTGKSYAENYYTKIG
DPLKLQHTAFYDEQPFKKYLAKGYAYNSTGLSFLRPNILDQYYGAGNLYMTPTDMGKLITQIQQYKLFSPKITNPLLHEF
GTKQYPDEYRYGFYAKPTLNRLNGGFFGQVFTVYYNDKYVVVLALNVKGNNEVRIKHIYNDILKQNKPYNTKGVIVQ
;
_entity_poly.pdbx_strand_id   A,B
#
# COMPACT_ATOMS: atom_id res chain seq x y z
N HIS A 40 -26.33 -19.87 -21.38
CA HIS A 40 -25.40 -19.57 -22.47
C HIS A 40 -25.76 -20.32 -23.74
N LYS A 41 -24.74 -20.72 -24.49
CA LYS A 41 -24.92 -21.45 -25.72
C LYS A 41 -23.79 -22.46 -25.98
N GLU A 42 -22.87 -22.06 -26.86
CA GLU A 42 -21.74 -22.86 -27.27
C GLU A 42 -20.89 -23.37 -26.14
N THR A 43 -20.99 -22.68 -25.01
CA THR A 43 -20.20 -23.02 -23.84
C THR A 43 -18.69 -23.29 -24.12
N LYS A 44 -17.97 -22.19 -24.28
CA LYS A 44 -16.51 -22.16 -24.22
C LYS A 44 -16.10 -21.49 -22.90
N LEU A 45 -16.64 -22.02 -21.80
CA LEU A 45 -16.46 -21.44 -20.47
C LEU A 45 -15.83 -22.47 -19.55
N SER A 46 -15.09 -21.97 -18.55
CA SER A 46 -14.55 -22.79 -17.47
C SER A 46 -15.71 -23.38 -16.69
N ASP A 47 -15.46 -24.37 -15.84
CA ASP A 47 -16.52 -25.00 -15.05
C ASP A 47 -17.16 -24.02 -14.08
N ASN A 48 -16.36 -23.10 -13.54
CA ASN A 48 -16.86 -22.09 -12.59
C ASN A 48 -17.93 -21.20 -13.21
N GLU A 49 -17.64 -20.66 -14.40
CA GLU A 49 -18.60 -19.77 -15.06
C GLU A 49 -19.80 -20.55 -15.56
N LYS A 50 -19.58 -21.75 -16.04
CA LYS A 50 -20.69 -22.56 -16.46
C LYS A 50 -21.68 -22.59 -15.35
N TYR A 51 -21.23 -23.03 -14.18
CA TYR A 51 -22.12 -23.17 -13.04
C TYR A 51 -22.82 -21.86 -12.67
N LEU A 52 -22.05 -20.78 -12.59
CA LEU A 52 -22.57 -19.49 -12.15
C LEU A 52 -23.58 -18.88 -13.13
N VAL A 53 -23.29 -19.00 -14.42
CA VAL A 53 -24.20 -18.48 -15.45
C VAL A 53 -25.56 -19.15 -15.32
N ASP A 54 -25.56 -20.47 -15.18
CA ASP A 54 -26.80 -21.24 -15.10
C ASP A 54 -27.55 -20.95 -13.80
N ARG A 55 -26.77 -20.80 -12.73
CA ARG A 55 -27.30 -20.45 -11.42
C ARG A 55 -28.03 -19.10 -11.44
N ASN A 56 -27.46 -18.13 -12.17
CA ASN A 56 -27.98 -16.76 -12.18
C ASN A 56 -28.81 -16.42 -13.43
N LYS A 57 -29.45 -17.40 -14.05
CA LYS A 57 -30.29 -17.14 -15.23
C LYS A 57 -31.54 -16.35 -14.84
N GLU A 58 -32.24 -16.81 -13.81
CA GLU A 58 -33.48 -16.16 -13.36
C GLU A 58 -33.30 -15.39 -12.04
N LYS A 59 -32.05 -15.21 -11.60
CA LYS A 59 -31.76 -14.49 -10.36
C LYS A 59 -31.86 -12.98 -10.56
N VAL A 60 -32.69 -12.32 -9.76
CA VAL A 60 -32.79 -10.86 -9.75
C VAL A 60 -31.83 -10.30 -8.71
N ALA A 61 -31.61 -8.99 -8.75
CA ALA A 61 -30.70 -8.32 -7.81
C ALA A 61 -31.06 -8.60 -6.35
N PRO A 62 -30.05 -8.60 -5.45
CA PRO A 62 -30.30 -9.01 -4.07
C PRO A 62 -31.10 -7.98 -3.29
N SER A 63 -31.72 -8.40 -2.19
CA SER A 63 -32.58 -7.53 -1.39
C SER A 63 -31.81 -6.34 -0.83
N LYS A 64 -32.51 -5.22 -0.71
CA LYS A 64 -31.91 -3.98 -0.20
C LYS A 64 -31.64 -4.11 1.29
N LEU A 65 -30.42 -3.77 1.71
CA LEU A 65 -30.04 -3.82 3.12
C LEU A 65 -30.14 -2.42 3.71
N LYS A 66 -30.62 -2.33 4.95
CA LYS A 66 -30.82 -1.03 5.59
C LYS A 66 -29.66 -0.69 6.53
N GLU A 67 -29.44 0.61 6.72
CA GLU A 67 -28.43 1.08 7.65
C GLU A 67 -28.85 0.72 9.07
N VAL A 68 -27.88 0.32 9.87
CA VAL A 68 -28.09 0.06 11.29
C VAL A 68 -27.05 0.86 12.05
N TYR A 69 -27.50 1.82 12.86
CA TYR A 69 -26.61 2.65 13.63
C TYR A 69 -27.39 3.33 14.74
N ASN A 70 -27.05 3.02 15.99
CA ASN A 70 -27.72 3.57 17.13
C ASN A 70 -26.83 4.58 17.83
N SER A 71 -26.99 5.85 17.48
CA SER A 71 -26.18 6.93 18.05
C SER A 71 -26.39 7.08 19.55
N LYS A 72 -27.48 6.51 20.07
CA LYS A 72 -27.75 6.52 21.49
C LYS A 72 -26.88 5.54 22.28
N ASP A 73 -26.17 4.65 21.60
CA ASP A 73 -25.20 3.76 22.25
C ASP A 73 -23.80 4.33 22.09
N PRO A 74 -23.22 4.89 23.17
CA PRO A 74 -21.91 5.57 23.13
C PRO A 74 -20.81 4.85 22.36
N LYS A 75 -20.74 3.52 22.47
CA LYS A 75 -19.75 2.73 21.73
C LYS A 75 -19.80 3.03 20.23
N TYR A 76 -21.00 2.87 19.66
CA TYR A 76 -21.19 2.96 18.22
C TYR A 76 -21.17 4.39 17.74
N LYS A 77 -21.62 5.31 18.59
CA LYS A 77 -21.51 6.73 18.28
C LYS A 77 -20.05 7.14 18.13
N LYS A 78 -19.22 6.61 19.04
CA LYS A 78 -17.79 6.86 19.05
C LYS A 78 -17.14 6.31 17.78
N ILE A 79 -17.58 5.14 17.36
CA ILE A 79 -17.07 4.47 16.16
C ILE A 79 -17.43 5.29 14.92
N ASP A 80 -18.71 5.60 14.80
CA ASP A 80 -19.21 6.38 13.68
C ASP A 80 -18.45 7.70 13.58
N LYS A 81 -18.34 8.37 14.72
CA LYS A 81 -17.67 9.66 14.77
C LYS A 81 -16.22 9.54 14.33
N TYR A 82 -15.57 8.46 14.76
CA TYR A 82 -14.19 8.20 14.37
C TYR A 82 -14.11 7.96 12.87
N LEU A 83 -14.96 7.10 12.34
CA LEU A 83 -14.96 6.78 10.91
C LEU A 83 -15.23 8.00 10.05
N GLN A 84 -16.14 8.87 10.48
CA GLN A 84 -16.42 10.08 9.75
C GLN A 84 -15.23 11.06 9.78
N SER A 85 -14.72 11.36 10.97
CA SER A 85 -13.66 12.36 11.09
C SER A 85 -12.30 11.86 10.59
N SER A 86 -12.12 10.55 10.49
CA SER A 86 -10.91 9.98 9.89
C SER A 86 -11.01 9.81 8.37
N LEU A 87 -12.10 10.27 7.77
CA LEU A 87 -12.29 10.26 6.32
C LEU A 87 -12.34 8.87 5.73
N PHE A 88 -12.83 7.91 6.51
CA PHE A 88 -12.96 6.52 6.11
C PHE A 88 -13.80 6.43 4.83
N ASN A 89 -13.31 5.71 3.83
CA ASN A 89 -14.08 5.44 2.63
C ASN A 89 -14.30 3.93 2.47
N GLY A 90 -15.49 3.48 2.83
CA GLY A 90 -15.83 2.06 2.77
C GLY A 90 -17.05 1.76 3.61
N SER A 91 -17.07 0.60 4.26
CA SER A 91 -18.24 0.14 5.00
C SER A 91 -17.86 -0.64 6.25
N VAL A 92 -18.73 -0.56 7.26
CA VAL A 92 -18.51 -1.24 8.52
C VAL A 92 -19.71 -2.11 8.84
N ALA A 93 -19.46 -3.22 9.52
CA ALA A 93 -20.50 -4.06 10.08
C ALA A 93 -20.00 -4.64 11.41
N ILE A 94 -20.82 -4.52 12.45
CA ILE A 94 -20.46 -5.00 13.77
C ILE A 94 -21.59 -5.83 14.35
N TYR A 95 -21.26 -7.06 14.74
CA TYR A 95 -22.20 -7.96 15.39
C TYR A 95 -21.87 -8.06 16.87
N GLU A 96 -22.90 -7.99 17.71
CA GLU A 96 -22.74 -8.12 19.15
C GLU A 96 -23.60 -9.28 19.65
N ASN A 97 -22.97 -10.28 20.24
CA ASN A 97 -23.66 -11.50 20.64
C ASN A 97 -24.59 -12.02 19.54
N GLY A 98 -24.08 -12.03 18.31
CA GLY A 98 -24.79 -12.60 17.17
C GLY A 98 -25.71 -11.65 16.43
N LYS A 99 -26.04 -10.52 17.06
CA LYS A 99 -26.95 -9.54 16.46
C LYS A 99 -26.20 -8.43 15.73
N LEU A 100 -26.75 -7.98 14.61
CA LEU A 100 -26.20 -6.85 13.87
C LEU A 100 -26.56 -5.57 14.59
N LYS A 101 -25.56 -4.93 15.20
CA LYS A 101 -25.77 -3.67 15.94
C LYS A 101 -25.31 -2.43 15.16
N MET A 102 -24.51 -2.63 14.12
CA MET A 102 -24.05 -1.53 13.29
C MET A 102 -23.77 -2.00 11.87
N SER A 103 -24.25 -1.25 10.90
CA SER A 103 -24.02 -1.51 9.48
C SER A 103 -24.15 -0.19 8.75
N LYS A 104 -23.05 0.32 8.22
CA LYS A 104 -23.06 1.66 7.63
C LYS A 104 -21.94 1.84 6.61
N GLY A 105 -22.27 2.54 5.52
CA GLY A 105 -21.32 2.87 4.47
C GLY A 105 -20.87 4.32 4.58
N TYR A 106 -19.62 4.57 4.19
CA TYR A 106 -19.03 5.90 4.25
C TYR A 106 -18.31 6.19 2.93
N GLY A 107 -18.42 7.43 2.44
CA GLY A 107 -17.79 7.80 1.18
C GLY A 107 -18.38 7.07 -0.03
N TYR A 108 -17.56 6.86 -1.06
CA TYR A 108 -18.05 6.39 -2.35
C TYR A 108 -17.64 4.97 -2.71
N GLN A 109 -18.60 4.22 -3.25
CA GLN A 109 -18.37 2.91 -3.85
C GLN A 109 -17.75 3.07 -5.23
N ASP A 110 -18.28 4.03 -5.99
CA ASP A 110 -17.77 4.39 -7.30
C ASP A 110 -17.66 5.91 -7.34
N PHE A 111 -16.42 6.41 -7.39
CA PHE A 111 -16.15 7.85 -7.39
C PHE A 111 -16.51 8.51 -8.71
N GLU A 112 -16.41 7.75 -9.79
CA GLU A 112 -16.63 8.28 -11.13
C GLU A 112 -18.12 8.50 -11.40
N LYS A 113 -18.95 7.58 -10.91
CA LYS A 113 -20.41 7.64 -11.08
C LYS A 113 -21.12 8.24 -9.86
N GLY A 114 -20.34 8.61 -8.84
CA GLY A 114 -20.89 9.22 -7.64
C GLY A 114 -21.76 8.32 -6.77
N ILE A 115 -21.57 7.00 -6.89
CA ILE A 115 -22.35 6.04 -6.13
C ILE A 115 -21.78 5.93 -4.72
N LYS A 116 -22.61 6.25 -3.74
CA LYS A 116 -22.18 6.19 -2.33
C LYS A 116 -22.09 4.75 -1.84
N ASN A 117 -21.20 4.50 -0.88
CA ASN A 117 -21.14 3.21 -0.19
C ASN A 117 -22.36 3.01 0.68
N THR A 118 -23.02 1.87 0.52
CA THR A 118 -24.19 1.52 1.33
C THR A 118 -23.91 0.16 1.97
N PRO A 119 -24.82 -0.29 2.85
CA PRO A 119 -24.69 -1.67 3.36
C PRO A 119 -24.75 -2.73 2.26
N ASN A 120 -25.36 -2.41 1.13
CA ASN A 120 -25.42 -3.30 -0.02
C ASN A 120 -24.10 -3.42 -0.79
N THR A 121 -23.20 -2.45 -0.63
CA THR A 121 -21.92 -2.48 -1.31
C THR A 121 -21.10 -3.73 -0.94
N MET A 122 -20.64 -4.42 -1.96
CA MET A 122 -19.83 -5.64 -1.81
C MET A 122 -18.39 -5.32 -2.17
N PHE A 123 -17.47 -5.71 -1.30
CA PHE A 123 -16.05 -5.39 -1.48
C PHE A 123 -15.25 -6.63 -1.82
N LEU A 124 -14.23 -6.46 -2.66
CA LEU A 124 -13.29 -7.51 -2.97
C LEU A 124 -12.56 -7.91 -1.69
N ILE A 125 -12.83 -9.12 -1.20
CA ILE A 125 -12.29 -9.56 0.07
C ILE A 125 -10.86 -10.05 -0.04
N GLY A 126 -10.37 -10.21 -1.28
CA GLY A 126 -9.02 -10.69 -1.51
C GLY A 126 -8.67 -11.94 -0.71
N SER A 127 -7.51 -11.90 -0.05
CA SER A 127 -6.98 -13.06 0.66
C SER A 127 -7.90 -13.63 1.74
N ALA A 128 -8.93 -12.89 2.14
CA ALA A 128 -9.93 -13.41 3.06
C ALA A 128 -10.77 -14.53 2.45
N GLN A 129 -10.79 -14.66 1.12
CA GLN A 129 -11.45 -15.81 0.47
C GLN A 129 -10.77 -17.13 0.83
N LYS A 130 -9.51 -17.10 1.20
CA LYS A 130 -8.82 -18.31 1.68
C LYS A 130 -9.58 -19.01 2.83
N PHE A 131 -10.32 -18.23 3.62
CA PHE A 131 -11.18 -18.77 4.68
C PHE A 131 -12.29 -19.64 4.10
N SER A 132 -12.92 -19.15 3.03
CA SER A 132 -13.92 -19.93 2.29
C SER A 132 -13.34 -21.27 1.82
N THR A 133 -12.16 -21.20 1.20
CA THR A 133 -11.45 -22.38 0.72
C THR A 133 -11.06 -23.34 1.87
N GLY A 134 -10.64 -22.76 3.00
CA GLY A 134 -10.32 -23.55 4.18
C GLY A 134 -11.52 -24.29 4.73
N LEU A 135 -12.67 -23.62 4.75
CA LEU A 135 -13.91 -24.24 5.22
C LEU A 135 -14.30 -25.42 4.34
N LEU A 136 -14.15 -25.26 3.03
CA LEU A 136 -14.42 -26.33 2.07
C LEU A 136 -13.48 -27.50 2.30
N LEU A 137 -12.21 -27.21 2.57
CA LEU A 137 -11.21 -28.23 2.91
C LEU A 137 -11.63 -29.02 4.15
N LYS A 138 -11.94 -28.31 5.22
CA LYS A 138 -12.35 -28.96 6.46
C LYS A 138 -13.59 -29.82 6.23
N GLN A 139 -14.55 -29.29 5.49
CA GLN A 139 -15.73 -30.05 5.11
C GLN A 139 -15.36 -31.36 4.41
N LEU A 140 -14.46 -31.27 3.45
CA LEU A 140 -14.00 -32.44 2.70
C LEU A 140 -13.27 -33.46 3.58
N GLU A 141 -12.57 -32.98 4.60
CA GLU A 141 -11.90 -33.87 5.56
C GLU A 141 -12.91 -34.68 6.34
N GLU A 142 -13.97 -34.02 6.81
CA GLU A 142 -15.03 -34.66 7.57
C GLU A 142 -15.97 -35.54 6.71
N GLU A 143 -15.99 -35.27 5.40
CA GLU A 143 -16.65 -36.14 4.44
C GLU A 143 -15.79 -37.35 4.05
N HIS A 144 -14.54 -37.37 4.53
CA HIS A 144 -13.59 -38.47 4.28
C HIS A 144 -13.17 -38.55 2.81
N LYS A 145 -13.08 -37.39 2.16
CA LYS A 145 -12.66 -37.28 0.77
C LYS A 145 -11.22 -36.83 0.65
N ILE A 146 -10.70 -36.14 1.66
CA ILE A 146 -9.28 -35.79 1.74
C ILE A 146 -8.76 -36.01 3.14
N ASN A 147 -7.45 -36.18 3.27
CA ASN A 147 -6.78 -36.17 4.55
C ASN A 147 -5.71 -35.09 4.51
N ILE A 148 -5.69 -34.24 5.54
CA ILE A 148 -4.88 -33.02 5.48
C ILE A 148 -3.36 -33.28 5.45
N ASN A 149 -2.92 -34.44 5.94
CA ASN A 149 -1.50 -34.79 5.92
C ASN A 149 -1.08 -35.58 4.69
N ASP A 150 -2.03 -35.94 3.84
CA ASP A 150 -1.73 -36.58 2.55
C ASP A 150 -1.23 -35.55 1.55
N PRO A 151 -0.40 -35.98 0.58
CA PRO A 151 0.19 -35.06 -0.40
C PRO A 151 -0.78 -34.59 -1.47
N VAL A 152 -0.43 -33.48 -2.12
CA VAL A 152 -1.23 -32.95 -3.24
C VAL A 152 -1.30 -33.93 -4.40
N SER A 153 -0.17 -34.58 -4.69
CA SER A 153 -0.06 -35.51 -5.81
C SER A 153 -1.12 -36.63 -5.74
N LYS A 154 -1.51 -37.01 -4.52
CA LYS A 154 -2.55 -38.01 -4.33
C LYS A 154 -3.89 -37.58 -4.95
N TYR A 155 -4.29 -36.34 -4.69
CA TYR A 155 -5.58 -35.84 -5.15
C TYR A 155 -5.48 -35.11 -6.49
N LEU A 156 -4.29 -34.62 -6.81
CA LEU A 156 -4.05 -33.84 -8.02
C LEU A 156 -2.81 -34.39 -8.72
N PRO A 157 -2.93 -35.59 -9.35
CA PRO A 157 -1.83 -36.39 -9.92
C PRO A 157 -0.80 -35.62 -10.73
N TRP A 158 -1.27 -34.67 -11.55
CA TRP A 158 -0.38 -33.90 -12.42
C TRP A 158 0.47 -32.86 -11.69
N PHE A 159 0.01 -32.41 -10.51
CA PHE A 159 0.80 -31.49 -9.71
C PHE A 159 2.00 -32.19 -9.07
N LYS A 160 3.03 -32.43 -9.89
CA LYS A 160 4.24 -33.11 -9.45
C LYS A 160 5.29 -32.10 -9.01
N THR A 161 6.09 -32.49 -8.03
CA THR A 161 7.00 -31.57 -7.34
C THR A 161 8.23 -32.31 -6.81
N SER A 162 9.38 -31.63 -6.85
CA SER A 162 10.69 -32.22 -6.48
C SER A 162 10.62 -33.08 -5.21
N LYS A 163 9.83 -32.62 -4.23
CA LYS A 163 9.56 -33.36 -3.01
C LYS A 163 8.04 -33.33 -2.79
N PRO A 164 7.52 -34.31 -2.02
CA PRO A 164 6.07 -34.32 -1.77
C PRO A 164 5.63 -33.18 -0.85
N ILE A 165 4.48 -32.58 -1.15
CA ILE A 165 3.93 -31.48 -0.35
C ILE A 165 2.61 -31.90 0.28
N PRO A 166 2.56 -32.08 1.60
CA PRO A 166 1.25 -32.41 2.19
C PRO A 166 0.28 -31.23 2.06
N LEU A 167 -1.02 -31.54 1.98
CA LEU A 167 -2.05 -30.50 1.90
C LEU A 167 -1.90 -29.49 3.04
N LYS A 168 -1.50 -30.00 4.21
CA LYS A 168 -1.32 -29.16 5.40
C LYS A 168 -0.28 -28.06 5.19
N ASP A 169 0.80 -28.37 4.48
CA ASP A 169 1.86 -27.41 4.22
C ASP A 169 1.42 -26.29 3.27
N LEU A 170 0.50 -26.59 2.36
CA LEU A 170 -0.13 -25.55 1.54
C LEU A 170 -1.03 -24.69 2.41
N MET A 171 -1.91 -25.35 3.16
CA MET A 171 -2.85 -24.69 4.05
C MET A 171 -2.16 -23.73 5.03
N LEU A 172 -1.01 -24.14 5.54
CA LEU A 172 -0.27 -23.35 6.53
C LEU A 172 0.74 -22.36 5.92
N HIS A 173 0.79 -22.28 4.59
CA HIS A 173 1.78 -21.46 3.87
C HIS A 173 3.23 -21.82 4.21
N GLN A 174 3.58 -23.09 3.99
CA GLN A 174 4.96 -23.55 4.19
C GLN A 174 5.32 -24.67 3.22
N SER A 175 4.87 -24.52 1.97
CA SER A 175 5.04 -25.54 0.95
C SER A 175 6.40 -25.48 0.26
N GLY A 176 6.98 -24.28 0.21
CA GLY A 176 8.23 -24.06 -0.51
C GLY A 176 8.04 -23.71 -1.97
N LEU A 177 6.79 -23.50 -2.37
CA LEU A 177 6.48 -23.08 -3.72
C LEU A 177 6.88 -21.62 -3.89
N TYR A 178 7.43 -21.29 -5.05
CA TYR A 178 7.73 -19.90 -5.41
C TYR A 178 6.44 -19.08 -5.33
N LYS A 179 6.58 -17.80 -5.00
CA LYS A 179 5.42 -16.92 -4.88
C LYS A 179 4.69 -16.82 -6.23
N TYR A 180 3.36 -16.84 -6.17
CA TYR A 180 2.53 -16.90 -7.36
C TYR A 180 2.71 -15.59 -8.11
N LYS A 181 3.17 -15.70 -9.34
CA LYS A 181 3.28 -14.55 -10.22
C LYS A 181 2.11 -14.62 -11.17
N SER A 182 1.08 -13.80 -10.93
CA SER A 182 -0.12 -13.76 -11.77
C SER A 182 0.19 -13.33 -13.22
N SER A 183 -0.71 -13.73 -14.14
CA SER A 183 -0.64 -13.31 -15.53
C SER A 183 -2.04 -13.13 -16.11
N LYS A 184 -2.20 -12.14 -16.99
CA LYS A 184 -3.48 -11.89 -17.64
C LYS A 184 -3.82 -13.00 -18.63
N ASP A 185 -2.79 -13.68 -19.11
CA ASP A 185 -2.93 -14.83 -20.00
C ASP A 185 -3.85 -15.88 -19.42
N TYR A 186 -3.74 -16.13 -18.12
CA TYR A 186 -4.43 -17.24 -17.49
C TYR A 186 -5.94 -16.97 -17.40
N LYS A 187 -6.71 -17.83 -18.05
CA LYS A 187 -8.15 -17.64 -18.18
C LYS A 187 -8.92 -18.34 -17.09
N ASN A 188 -8.26 -19.22 -16.33
CA ASN A 188 -8.96 -20.05 -15.35
C ASN A 188 -8.04 -20.58 -14.25
N LEU A 189 -8.64 -21.17 -13.23
CA LEU A 189 -7.91 -21.76 -12.11
C LEU A 189 -6.89 -22.78 -12.59
N ASP A 190 -7.28 -23.61 -13.56
CA ASP A 190 -6.42 -24.69 -14.08
C ASP A 190 -5.09 -24.17 -14.60
N GLN A 191 -5.13 -23.14 -15.44
CA GLN A 191 -3.92 -22.56 -16.01
C GLN A 191 -3.03 -21.95 -14.93
N ALA A 192 -3.64 -21.30 -13.95
CA ALA A 192 -2.90 -20.73 -12.83
C ALA A 192 -2.14 -21.80 -12.05
N VAL A 193 -2.81 -22.89 -11.69
CA VAL A 193 -2.18 -23.98 -10.93
C VAL A 193 -1.22 -24.81 -11.79
N LYS A 194 -1.48 -24.89 -13.09
CA LYS A 194 -0.53 -25.52 -14.00
C LYS A 194 0.70 -24.63 -14.22
N ALA A 195 0.54 -23.33 -14.06
CA ALA A 195 1.68 -22.41 -14.07
C ALA A 195 2.54 -22.58 -12.81
N ILE A 196 1.87 -22.66 -11.65
CA ILE A 196 2.54 -22.86 -10.36
C ILE A 196 3.31 -24.17 -10.30
N GLN A 197 2.78 -25.20 -10.95
CA GLN A 197 3.43 -26.51 -10.97
C GLN A 197 4.74 -26.45 -11.75
N LYS A 198 4.77 -25.71 -12.86
CA LYS A 198 6.00 -25.51 -13.63
C LYS A 198 7.07 -24.77 -12.82
N ARG A 199 6.69 -23.71 -12.12
CA ARG A 199 7.64 -22.96 -11.31
C ARG A 199 8.17 -23.83 -10.17
N GLY A 200 7.27 -24.58 -9.53
CA GLY A 200 7.64 -25.59 -8.56
C GLY A 200 8.23 -25.06 -7.27
N ILE A 201 9.16 -25.83 -6.73
CA ILE A 201 9.70 -25.61 -5.38
C ILE A 201 10.92 -24.71 -5.38
N ASP A 202 11.07 -23.96 -4.29
CA ASP A 202 12.25 -23.15 -4.03
C ASP A 202 13.00 -23.77 -2.85
N PRO A 203 14.15 -24.44 -3.11
CA PRO A 203 14.82 -25.23 -2.08
C PRO A 203 15.06 -24.50 -0.78
N LYS A 204 15.66 -23.31 -0.82
CA LYS A 204 16.00 -22.55 0.38
C LYS A 204 14.79 -22.24 1.26
N LYS A 205 13.63 -22.07 0.63
CA LYS A 205 12.37 -21.81 1.33
C LYS A 205 11.57 -23.08 1.64
N TYR A 206 12.13 -24.25 1.38
CA TYR A 206 11.39 -25.49 1.71
C TYR A 206 11.15 -25.63 3.21
N LYS A 207 9.92 -26.04 3.57
CA LYS A 207 9.49 -26.19 4.96
C LYS A 207 9.70 -24.94 5.83
N LYS A 208 9.71 -23.76 5.22
CA LYS A 208 9.67 -22.50 5.96
C LYS A 208 8.44 -21.73 5.53
N HIS A 209 7.97 -20.85 6.41
CA HIS A 209 6.75 -20.09 6.15
C HIS A 209 6.98 -19.01 5.09
N MET A 210 6.02 -18.87 4.20
CA MET A 210 6.02 -17.79 3.22
C MET A 210 4.60 -17.62 2.69
N TYR A 211 3.97 -16.50 3.00
CA TYR A 211 2.61 -16.23 2.53
C TYR A 211 2.61 -16.28 1.00
N ASN A 212 1.58 -16.88 0.44
CA ASN A 212 1.54 -17.18 -0.98
C ASN A 212 0.10 -17.51 -1.39
N ASP A 213 -0.49 -16.65 -2.21
CA ASP A 213 -1.83 -16.90 -2.76
C ASP A 213 -1.86 -18.24 -3.47
N GLY A 214 -0.76 -18.57 -4.15
CA GLY A 214 -0.62 -19.81 -4.91
C GLY A 214 -0.98 -21.06 -4.13
N ASN A 215 -0.62 -21.11 -2.85
CA ASN A 215 -0.95 -22.26 -2.01
C ASN A 215 -2.45 -22.52 -2.07
N TYR A 216 -3.25 -21.49 -1.82
CA TYR A 216 -4.70 -21.66 -1.78
C TYR A 216 -5.34 -21.78 -3.16
N LEU A 217 -4.63 -21.38 -4.21
CA LEU A 217 -5.06 -21.69 -5.59
C LEU A 217 -4.92 -23.19 -5.88
N VAL A 218 -3.83 -23.80 -5.43
CA VAL A 218 -3.64 -25.25 -5.53
C VAL A 218 -4.68 -26.02 -4.72
N LEU A 219 -4.98 -25.51 -3.52
CA LEU A 219 -6.00 -26.12 -2.66
C LEU A 219 -7.39 -26.01 -3.27
N ALA A 220 -7.68 -24.88 -3.92
CA ALA A 220 -8.95 -24.71 -4.61
C ALA A 220 -9.08 -25.74 -5.74
N LYS A 221 -7.99 -26.02 -6.46
CA LYS A 221 -8.02 -27.01 -7.53
C LYS A 221 -8.16 -28.42 -6.97
N VAL A 222 -7.52 -28.69 -5.83
CA VAL A 222 -7.69 -29.95 -5.10
C VAL A 222 -9.17 -30.18 -4.80
N ILE A 223 -9.82 -29.13 -4.29
CA ILE A 223 -11.27 -29.19 -4.02
C ILE A 223 -12.03 -29.56 -5.28
N GLU A 224 -11.72 -28.89 -6.39
CA GLU A 224 -12.41 -29.16 -7.63
C GLU A 224 -12.19 -30.59 -8.11
N GLU A 225 -10.96 -31.07 -8.00
CA GLU A 225 -10.57 -32.38 -8.51
C GLU A 225 -11.21 -33.52 -7.71
N VAL A 226 -11.23 -33.41 -6.38
CA VAL A 226 -11.78 -34.47 -5.53
C VAL A 226 -13.30 -34.51 -5.59
N THR A 227 -13.94 -33.35 -5.76
CA THR A 227 -15.39 -33.26 -5.80
C THR A 227 -15.93 -33.43 -7.23
N GLY A 228 -15.05 -33.26 -8.22
CA GLY A 228 -15.47 -33.26 -9.62
C GLY A 228 -16.42 -32.12 -9.94
N LYS A 229 -16.36 -31.04 -9.17
CA LYS A 229 -17.27 -29.92 -9.33
C LYS A 229 -16.52 -28.63 -9.15
N SER A 230 -17.03 -27.57 -9.78
CA SER A 230 -16.38 -26.27 -9.73
C SER A 230 -16.28 -25.75 -8.30
N TYR A 231 -15.28 -24.91 -8.06
CA TYR A 231 -15.11 -24.25 -6.78
C TYR A 231 -16.37 -23.46 -6.42
N ALA A 232 -16.89 -22.71 -7.41
CA ALA A 232 -18.09 -21.89 -7.23
C ALA A 232 -19.28 -22.71 -6.76
N GLU A 233 -19.43 -23.90 -7.33
CA GLU A 233 -20.50 -24.80 -6.95
C GLU A 233 -20.27 -25.33 -5.54
N ASN A 234 -19.06 -25.75 -5.24
CA ASN A 234 -18.73 -26.25 -3.91
C ASN A 234 -18.98 -25.17 -2.88
N TYR A 235 -18.59 -23.92 -3.17
CA TYR A 235 -18.84 -22.81 -2.25
C TYR A 235 -20.33 -22.57 -2.01
N TYR A 236 -21.12 -22.50 -3.08
CA TYR A 236 -22.55 -22.21 -2.93
C TYR A 236 -23.31 -23.36 -2.26
N THR A 237 -23.10 -24.57 -2.74
CA THR A 237 -23.80 -25.73 -2.21
C THR A 237 -23.43 -26.03 -0.75
N LYS A 238 -22.15 -25.85 -0.41
CA LYS A 238 -21.65 -26.23 0.92
C LYS A 238 -21.54 -25.08 1.93
N ILE A 239 -21.56 -23.83 1.48
CA ILE A 239 -21.43 -22.68 2.39
C ILE A 239 -22.41 -21.56 2.07
N GLY A 240 -22.30 -20.99 0.86
CA GLY A 240 -23.09 -19.83 0.45
C GLY A 240 -24.57 -19.93 0.73
N ASP A 241 -25.18 -21.01 0.24
CA ASP A 241 -26.63 -21.21 0.37
C ASP A 241 -27.05 -21.71 1.76
N PRO A 242 -26.39 -22.76 2.29
CA PRO A 242 -26.70 -23.19 3.66
C PRO A 242 -26.68 -22.06 4.69
N LEU A 243 -25.72 -21.14 4.58
CA LEU A 243 -25.63 -20.03 5.53
C LEU A 243 -26.28 -18.74 5.03
N LYS A 244 -27.15 -18.86 4.02
CA LYS A 244 -27.94 -17.74 3.49
C LYS A 244 -27.11 -16.47 3.25
N LEU A 245 -25.95 -16.65 2.64
CA LEU A 245 -25.12 -15.53 2.23
C LEU A 245 -25.58 -15.07 0.85
N GLN A 246 -26.51 -14.12 0.85
CA GLN A 246 -27.19 -13.69 -0.36
C GLN A 246 -26.68 -12.35 -0.88
N HIS A 247 -25.68 -11.80 -0.21
CA HIS A 247 -25.04 -10.55 -0.62
C HIS A 247 -23.53 -10.77 -0.74
N THR A 248 -23.19 -11.96 -1.22
CA THR A 248 -21.82 -12.38 -1.43
C THR A 248 -21.76 -13.02 -2.81
N ALA A 249 -20.76 -12.67 -3.60
CA ALA A 249 -20.71 -13.12 -4.99
C ALA A 249 -19.31 -13.16 -5.56
N PHE A 250 -19.15 -14.01 -6.57
CA PHE A 250 -17.94 -14.05 -7.36
C PHE A 250 -17.95 -12.84 -8.31
N TYR A 251 -16.76 -12.37 -8.66
CA TYR A 251 -16.58 -11.10 -9.37
C TYR A 251 -17.48 -10.85 -10.59
N ASP A 252 -17.82 -11.89 -11.34
CA ASP A 252 -18.52 -11.71 -12.62
C ASP A 252 -20.00 -12.09 -12.59
N GLU A 253 -20.56 -12.35 -11.42
CA GLU A 253 -21.99 -12.65 -11.32
C GLU A 253 -22.83 -11.41 -11.65
N GLN A 254 -23.80 -11.59 -12.56
CA GLN A 254 -24.54 -10.46 -13.13
C GLN A 254 -25.38 -9.68 -12.13
N PRO A 255 -26.21 -10.37 -11.33
CA PRO A 255 -27.14 -9.64 -10.48
C PRO A 255 -26.49 -8.76 -9.41
N PHE A 256 -25.19 -8.97 -9.15
CA PHE A 256 -24.48 -8.23 -8.11
C PHE A 256 -23.60 -7.10 -8.65
N LYS A 257 -23.48 -6.97 -9.96
CA LYS A 257 -22.58 -5.95 -10.57
C LYS A 257 -22.87 -4.52 -10.09
N LYS A 258 -24.15 -4.23 -9.89
CA LYS A 258 -24.62 -2.95 -9.33
C LYS A 258 -23.91 -2.56 -8.04
N TYR A 259 -23.55 -3.55 -7.22
CA TYR A 259 -23.07 -3.32 -5.86
C TYR A 259 -21.56 -3.60 -5.68
N LEU A 260 -20.87 -4.01 -6.74
CA LEU A 260 -19.45 -4.34 -6.64
C LEU A 260 -18.60 -3.08 -6.55
N ALA A 261 -17.89 -2.91 -5.44
CA ALA A 261 -17.10 -1.72 -5.18
C ALA A 261 -15.86 -1.64 -6.07
N LYS A 262 -15.47 -0.42 -6.35
CA LYS A 262 -14.24 -0.13 -7.08
C LYS A 262 -13.17 0.25 -6.06
N GLY A 263 -11.96 -0.26 -6.26
CA GLY A 263 -10.84 0.03 -5.37
C GLY A 263 -9.98 1.13 -5.95
N TYR A 264 -9.35 1.90 -5.08
CA TYR A 264 -8.59 3.08 -5.50
C TYR A 264 -7.24 3.19 -4.79
N ALA A 265 -6.29 3.79 -5.50
CA ALA A 265 -5.01 4.13 -4.92
C ALA A 265 -4.49 5.43 -5.55
N TYR A 266 -3.82 6.26 -4.75
CA TYR A 266 -3.04 7.39 -5.27
C TYR A 266 -1.60 6.93 -5.38
N ASN A 267 -1.09 6.78 -6.60
CA ASN A 267 0.36 6.58 -6.80
C ASN A 267 0.89 7.89 -7.36
N SER A 268 0.28 8.32 -8.46
CA SER A 268 0.52 9.65 -9.01
C SER A 268 -0.70 10.07 -9.81
N THR A 269 -0.73 11.33 -10.25
CA THR A 269 -1.79 11.83 -11.13
C THR A 269 -3.20 11.50 -10.59
N GLY A 270 -3.42 11.78 -9.30
CA GLY A 270 -4.73 11.70 -8.68
C GLY A 270 -5.15 10.35 -8.10
N LEU A 271 -6.41 10.29 -7.71
CA LEU A 271 -7.05 9.06 -7.27
C LEU A 271 -7.41 8.20 -8.47
N SER A 272 -6.90 6.96 -8.53
CA SER A 272 -7.09 6.14 -9.73
C SER A 272 -7.62 4.74 -9.43
N PHE A 273 -8.57 4.31 -10.26
CA PHE A 273 -9.24 3.03 -10.11
C PHE A 273 -8.36 1.87 -10.59
N LEU A 274 -8.17 0.89 -9.72
CA LEU A 274 -7.37 -0.29 -10.00
C LEU A 274 -8.30 -1.44 -10.42
N ARG A 275 -8.43 -1.63 -11.74
CA ARG A 275 -9.35 -2.62 -12.29
C ARG A 275 -8.80 -4.03 -12.10
N PRO A 276 -9.57 -4.91 -11.44
CA PRO A 276 -9.18 -6.31 -11.36
C PRO A 276 -9.12 -6.94 -12.75
N ASN A 277 -7.97 -7.52 -13.08
CA ASN A 277 -7.70 -8.05 -14.42
C ASN A 277 -7.31 -9.53 -14.41
N ILE A 278 -7.36 -10.17 -13.25
CA ILE A 278 -6.87 -11.55 -13.09
C ILE A 278 -7.77 -12.44 -12.22
N LEU A 279 -8.99 -11.98 -11.94
CA LEU A 279 -9.86 -12.67 -11.00
C LEU A 279 -10.44 -13.96 -11.58
N ASP A 280 -10.37 -14.12 -12.90
CA ASP A 280 -10.73 -15.40 -13.55
C ASP A 280 -9.81 -16.57 -13.18
N GLN A 281 -8.58 -16.26 -12.76
CA GLN A 281 -7.61 -17.28 -12.37
C GLN A 281 -7.42 -17.37 -10.85
N TYR A 282 -8.22 -16.61 -10.09
CA TYR A 282 -8.03 -16.45 -8.65
C TYR A 282 -9.13 -17.07 -7.80
N TYR A 283 -9.75 -18.14 -8.30
CA TYR A 283 -10.81 -18.83 -7.55
C TYR A 283 -10.23 -19.50 -6.31
N GLY A 284 -10.59 -18.98 -5.15
CA GLY A 284 -10.18 -19.54 -3.87
C GLY A 284 -9.16 -18.72 -3.10
N ALA A 285 -8.48 -17.79 -3.77
CA ALA A 285 -7.46 -16.95 -3.13
C ALA A 285 -7.76 -15.45 -3.21
N GLY A 286 -8.94 -15.08 -3.71
CA GLY A 286 -9.42 -13.69 -3.62
C GLY A 286 -10.09 -13.10 -4.84
N ASN A 287 -11.14 -13.74 -5.33
CA ASN A 287 -12.00 -13.17 -6.37
C ASN A 287 -13.45 -13.12 -5.93
N LEU A 288 -13.67 -13.06 -4.61
CA LEU A 288 -15.01 -13.00 -4.05
C LEU A 288 -15.31 -11.61 -3.49
N TYR A 289 -16.56 -11.18 -3.67
CA TYR A 289 -17.05 -9.90 -3.16
C TYR A 289 -18.10 -10.14 -2.09
N MET A 290 -17.99 -9.44 -0.96
CA MET A 290 -18.92 -9.61 0.16
C MET A 290 -19.33 -8.26 0.73
N THR A 291 -20.58 -8.16 1.14
CA THR A 291 -20.98 -7.11 2.07
C THR A 291 -20.40 -7.47 3.44
N PRO A 292 -19.94 -6.46 4.20
CA PRO A 292 -19.49 -6.70 5.58
C PRO A 292 -20.50 -7.47 6.44
N THR A 293 -21.80 -7.23 6.23
CA THR A 293 -22.84 -7.93 6.99
C THR A 293 -22.78 -9.44 6.77
N ASP A 294 -22.64 -9.86 5.51
CA ASP A 294 -22.53 -11.28 5.17
C ASP A 294 -21.32 -11.95 5.81
N MET A 295 -20.20 -11.23 5.87
CA MET A 295 -19.00 -11.77 6.50
C MET A 295 -19.21 -12.02 7.99
N GLY A 296 -19.89 -11.08 8.67
CA GLY A 296 -20.25 -11.28 10.07
C GLY A 296 -21.25 -12.40 10.21
N LYS A 297 -22.23 -12.43 9.31
CA LYS A 297 -23.24 -13.49 9.28
C LYS A 297 -22.59 -14.87 9.13
N LEU A 298 -21.54 -14.95 8.31
CA LEU A 298 -20.78 -16.19 8.13
C LEU A 298 -20.07 -16.63 9.41
N ILE A 299 -19.33 -15.72 10.02
CA ILE A 299 -18.54 -16.03 11.20
C ILE A 299 -19.40 -16.36 12.41
N THR A 300 -20.46 -15.58 12.63
CA THR A 300 -21.33 -15.82 13.78
C THR A 300 -22.04 -17.17 13.68
N GLN A 301 -22.43 -17.55 12.46
CA GLN A 301 -23.09 -18.84 12.24
C GLN A 301 -22.13 -20.02 12.42
N ILE A 302 -20.88 -19.86 11.98
CA ILE A 302 -19.85 -20.87 12.23
C ILE A 302 -19.61 -20.98 13.74
N GLN A 303 -19.52 -19.83 14.41
CA GLN A 303 -19.37 -19.79 15.86
C GLN A 303 -20.52 -20.52 16.56
N GLN A 304 -21.70 -20.47 15.96
CA GLN A 304 -22.87 -21.18 16.48
C GLN A 304 -23.00 -22.63 15.97
N TYR A 305 -21.92 -23.18 15.45
CA TYR A 305 -21.86 -24.59 15.05
C TYR A 305 -22.83 -24.97 13.93
N LYS A 306 -22.86 -24.17 12.87
CA LYS A 306 -23.74 -24.42 11.75
C LYS A 306 -23.08 -25.14 10.61
N LEU A 307 -21.77 -25.17 10.58
CA LEU A 307 -21.06 -25.95 9.56
C LEU A 307 -20.45 -27.22 10.11
N PHE A 308 -19.97 -27.15 11.36
CA PHE A 308 -19.39 -28.29 12.03
C PHE A 308 -19.87 -28.38 13.48
N SER A 309 -19.74 -29.57 14.05
CA SER A 309 -19.95 -29.80 15.48
C SER A 309 -18.96 -28.99 16.34
N PRO A 310 -19.27 -28.81 17.63
CA PRO A 310 -18.34 -28.06 18.50
C PRO A 310 -16.92 -28.66 18.58
N LYS A 311 -16.82 -29.99 18.60
CA LYS A 311 -15.52 -30.68 18.63
C LYS A 311 -14.65 -30.44 17.40
N ILE A 312 -15.26 -30.07 16.28
CA ILE A 312 -14.51 -29.64 15.08
C ILE A 312 -14.31 -28.11 15.09
N THR A 313 -15.38 -27.38 15.38
CA THR A 313 -15.36 -25.93 15.29
C THR A 313 -14.44 -25.27 16.32
N ASN A 314 -14.51 -25.70 17.57
CA ASN A 314 -13.77 -25.03 18.64
C ASN A 314 -12.26 -24.98 18.38
N PRO A 315 -11.62 -26.14 18.10
CA PRO A 315 -10.19 -26.10 17.80
C PRO A 315 -9.88 -25.34 16.51
N LEU A 316 -10.69 -25.55 15.48
CA LEU A 316 -10.54 -24.82 14.23
C LEU A 316 -10.48 -23.32 14.50
N LEU A 317 -11.38 -22.82 15.33
CA LEU A 317 -11.44 -21.40 15.65
C LEU A 317 -10.49 -20.93 16.76
N HIS A 318 -10.11 -21.80 17.70
CA HIS A 318 -9.41 -21.33 18.91
C HIS A 318 -8.10 -22.02 19.32
N GLU A 319 -7.80 -23.19 18.77
CA GLU A 319 -6.60 -23.93 19.16
C GLU A 319 -5.41 -23.43 18.37
N PHE A 320 -4.35 -23.02 19.05
CA PHE A 320 -3.10 -22.68 18.39
C PHE A 320 -1.88 -23.00 19.25
N GLY A 321 -0.79 -23.36 18.59
CA GLY A 321 0.44 -23.78 19.26
C GLY A 321 0.42 -25.25 19.61
N THR A 322 -0.19 -26.04 18.73
CA THR A 322 -0.31 -27.48 18.94
C THR A 322 0.13 -28.22 17.69
N LYS A 323 0.38 -29.50 17.81
CA LYS A 323 0.77 -30.25 16.67
C LYS A 323 -0.21 -30.06 15.54
N GLN A 324 -1.50 -30.10 15.84
CA GLN A 324 -2.55 -29.98 14.84
C GLN A 324 -2.63 -28.57 14.27
N TYR A 325 -2.67 -27.59 15.17
CA TYR A 325 -2.74 -26.18 14.81
C TYR A 325 -1.51 -25.46 15.37
N PRO A 326 -0.35 -25.61 14.71
CA PRO A 326 0.92 -25.09 15.24
C PRO A 326 1.02 -23.57 15.21
N ASP A 327 0.39 -22.94 14.22
CA ASP A 327 0.49 -21.50 14.03
C ASP A 327 -0.84 -20.85 14.34
N GLU A 328 -0.82 -19.52 14.45
CA GLU A 328 -2.04 -18.74 14.60
C GLU A 328 -2.89 -18.90 13.35
N TYR A 329 -2.21 -18.96 12.20
CA TYR A 329 -2.88 -19.13 10.92
C TYR A 329 -3.37 -20.56 10.71
N ARG A 330 -4.60 -20.70 10.26
CA ARG A 330 -5.12 -21.98 9.79
C ARG A 330 -6.33 -21.76 8.90
N TYR A 331 -6.47 -22.59 7.87
CA TYR A 331 -7.65 -22.60 7.01
C TYR A 331 -8.10 -21.20 6.57
N GLY A 332 -7.13 -20.37 6.20
CA GLY A 332 -7.41 -19.05 5.67
C GLY A 332 -7.59 -17.90 6.65
N PHE A 333 -7.34 -18.13 7.94
CA PHE A 333 -7.53 -17.08 8.95
C PHE A 333 -6.66 -17.28 10.19
N TYR A 334 -6.66 -16.27 11.04
CA TYR A 334 -5.79 -16.25 12.21
C TYR A 334 -6.55 -16.42 13.52
N ALA A 335 -6.09 -17.33 14.35
CA ALA A 335 -6.50 -17.40 15.75
C ALA A 335 -5.37 -16.80 16.59
N LYS A 336 -5.63 -15.65 17.19
CA LYS A 336 -4.61 -14.94 17.97
C LYS A 336 -4.97 -14.90 19.46
N PRO A 337 -4.07 -14.40 20.31
CA PRO A 337 -4.32 -14.38 21.75
C PRO A 337 -5.57 -13.63 22.19
N THR A 338 -5.80 -12.43 21.64
CA THR A 338 -6.92 -11.59 22.08
C THR A 338 -8.08 -11.56 21.11
N LEU A 339 -7.92 -12.22 19.95
CA LEU A 339 -8.86 -12.06 18.84
C LEU A 339 -8.60 -13.06 17.71
N ASN A 340 -9.60 -13.25 16.86
CA ASN A 340 -9.43 -13.94 15.59
C ASN A 340 -9.46 -12.89 14.48
N ARG A 341 -8.64 -13.09 13.46
CA ARG A 341 -8.44 -12.09 12.43
C ARG A 341 -8.54 -12.66 11.02
N LEU A 342 -9.25 -11.94 10.14
CA LEU A 342 -9.17 -12.14 8.70
C LEU A 342 -8.74 -10.83 8.05
N ASN A 343 -8.05 -10.95 6.91
CA ASN A 343 -7.61 -9.79 6.18
C ASN A 343 -7.26 -10.14 4.73
N GLY A 344 -7.66 -9.29 3.81
CA GLY A 344 -7.28 -9.41 2.40
C GLY A 344 -7.03 -8.03 1.79
N GLY A 345 -5.91 -7.88 1.10
CA GLY A 345 -5.59 -6.64 0.40
C GLY A 345 -5.46 -6.92 -1.09
N PHE A 346 -6.34 -6.32 -1.90
CA PHE A 346 -6.38 -6.64 -3.32
C PHE A 346 -7.00 -5.52 -4.12
N PHE A 347 -6.36 -5.17 -5.24
CA PHE A 347 -6.83 -4.13 -6.16
C PHE A 347 -7.48 -2.94 -5.49
N GLY A 348 -6.69 -2.26 -4.67
CA GLY A 348 -7.09 -1.01 -4.01
C GLY A 348 -8.11 -1.14 -2.90
N GLN A 349 -8.40 -2.36 -2.46
CA GLN A 349 -9.35 -2.60 -1.40
C GLN A 349 -8.68 -3.31 -0.25
N VAL A 350 -9.23 -3.14 0.94
CA VAL A 350 -8.75 -3.82 2.13
C VAL A 350 -9.96 -4.32 2.92
N PHE A 351 -9.98 -5.61 3.20
CA PHE A 351 -11.11 -6.25 3.85
C PHE A 351 -10.62 -6.97 5.10
N THR A 352 -11.01 -6.45 6.26
CA THR A 352 -10.42 -6.89 7.52
C THR A 352 -11.50 -7.22 8.53
N VAL A 353 -11.25 -8.25 9.33
CA VAL A 353 -12.21 -8.75 10.31
C VAL A 353 -11.46 -9.03 11.60
N TYR A 354 -11.91 -8.41 12.68
CA TYR A 354 -11.45 -8.76 14.02
C TYR A 354 -12.66 -9.29 14.74
N TYR A 355 -12.52 -10.42 15.44
CA TYR A 355 -13.65 -10.92 16.23
C TYR A 355 -13.27 -11.78 17.41
N ASN A 356 -14.25 -11.92 18.29
CA ASN A 356 -14.19 -12.84 19.42
C ASN A 356 -15.60 -13.40 19.67
N ASP A 357 -15.90 -13.87 20.88
CA ASP A 357 -17.21 -14.47 21.15
C ASP A 357 -18.32 -13.44 21.35
N LYS A 358 -17.97 -12.16 21.53
CA LYS A 358 -18.97 -11.10 21.69
C LYS A 358 -19.13 -10.26 20.42
N TYR A 359 -18.01 -9.76 19.89
CA TYR A 359 -18.04 -8.88 18.74
C TYR A 359 -17.47 -9.52 17.49
N VAL A 360 -18.12 -9.28 16.35
CA VAL A 360 -17.49 -9.49 15.05
C VAL A 360 -17.46 -8.14 14.35
N VAL A 361 -16.26 -7.64 14.11
CA VAL A 361 -16.06 -6.33 13.50
C VAL A 361 -15.50 -6.53 12.11
N VAL A 362 -16.27 -6.11 11.10
CA VAL A 362 -15.88 -6.24 9.70
C VAL A 362 -15.72 -4.84 9.13
N LEU A 363 -14.53 -4.52 8.64
CA LEU A 363 -14.23 -3.19 8.14
C LEU A 363 -13.70 -3.29 6.71
N ALA A 364 -14.46 -2.74 5.77
CA ALA A 364 -14.11 -2.81 4.36
C ALA A 364 -13.71 -1.44 3.83
N LEU A 365 -12.56 -1.37 3.19
CA LEU A 365 -12.00 -0.12 2.71
C LEU A 365 -11.71 -0.21 1.22
N ASN A 366 -12.33 0.65 0.41
CA ASN A 366 -12.13 0.64 -1.06
C ASN A 366 -11.26 1.80 -1.59
N VAL A 367 -10.74 2.64 -0.70
CA VAL A 367 -9.61 3.51 -1.04
C VAL A 367 -8.43 3.02 -0.21
N LYS A 368 -7.38 2.58 -0.89
CA LYS A 368 -6.27 1.91 -0.22
C LYS A 368 -5.67 2.78 0.88
N GLY A 369 -5.38 2.15 2.01
CA GLY A 369 -4.82 2.85 3.15
C GLY A 369 -4.69 1.89 4.31
N ASN A 370 -4.41 2.43 5.48
CA ASN A 370 -4.17 1.63 6.67
C ASN A 370 -5.48 1.24 7.34
N ASN A 371 -5.97 0.04 7.04
CA ASN A 371 -7.22 -0.43 7.62
C ASN A 371 -7.00 -1.00 9.04
N GLU A 372 -5.78 -1.47 9.31
CA GLU A 372 -5.48 -2.21 10.56
C GLU A 372 -5.54 -1.28 11.77
N VAL A 373 -4.98 -0.08 11.62
CA VAL A 373 -5.03 0.91 12.66
C VAL A 373 -6.48 1.21 13.01
N ARG A 374 -7.33 1.25 11.99
CA ARG A 374 -8.75 1.60 12.20
C ARG A 374 -9.46 0.51 12.98
N ILE A 375 -9.36 -0.72 12.50
CA ILE A 375 -10.07 -1.84 13.12
C ILE A 375 -9.53 -2.12 14.54
N LYS A 376 -8.25 -1.86 14.77
CA LYS A 376 -7.67 -1.99 16.12
C LYS A 376 -8.27 -0.97 17.06
N HIS A 377 -8.38 0.25 16.57
CA HIS A 377 -8.89 1.34 17.38
C HIS A 377 -10.33 1.04 17.79
N ILE A 378 -11.09 0.44 16.89
CA ILE A 378 -12.48 0.08 17.16
C ILE A 378 -12.55 -1.09 18.16
N TYR A 379 -11.78 -2.13 17.91
CA TYR A 379 -11.84 -3.36 18.70
C TYR A 379 -11.20 -3.19 20.09
N ASN A 380 -10.00 -2.61 20.11
CA ASN A 380 -9.25 -2.47 21.35
C ASN A 380 -9.62 -1.21 22.11
N ASP A 381 -9.63 -0.06 21.45
CA ASP A 381 -9.80 1.20 22.17
C ASP A 381 -11.27 1.48 22.48
N ILE A 382 -12.14 1.40 21.49
CA ILE A 382 -13.53 1.79 21.69
C ILE A 382 -14.33 0.65 22.33
N LEU A 383 -14.31 -0.52 21.72
CA LEU A 383 -15.03 -1.69 22.26
C LEU A 383 -14.32 -2.38 23.41
N LYS A 384 -13.05 -2.03 23.66
CA LYS A 384 -12.28 -2.51 24.82
C LYS A 384 -12.18 -4.04 24.92
N GLN A 385 -11.84 -4.66 23.78
CA GLN A 385 -11.74 -6.11 23.69
C GLN A 385 -10.30 -6.63 23.72
N ASN A 386 -9.38 -5.79 24.13
CA ASN A 386 -7.99 -6.21 24.24
C ASN A 386 -7.85 -7.04 25.52
N LYS A 387 -8.15 -8.33 25.39
CA LYS A 387 -8.14 -9.21 26.55
C LYS A 387 -8.08 -10.67 26.11
N PRO A 388 -7.62 -11.58 27.00
CA PRO A 388 -7.39 -12.96 26.61
C PRO A 388 -8.59 -13.59 25.92
N TYR A 389 -8.34 -14.30 24.83
CA TYR A 389 -9.39 -14.96 24.06
C TYR A 389 -9.02 -16.41 23.76
N ASN A 390 -7.90 -16.61 23.08
CA ASN A 390 -7.36 -17.94 22.81
C ASN A 390 -6.08 -18.12 23.61
N THR A 391 -5.78 -19.37 23.96
CA THR A 391 -4.62 -19.70 24.78
C THR A 391 -3.65 -20.57 24.01
N LYS A 392 -2.45 -20.05 23.80
CA LYS A 392 -1.40 -20.75 23.08
C LYS A 392 -1.04 -22.06 23.78
N GLY A 393 -1.01 -23.17 23.03
CA GLY A 393 -0.60 -24.46 23.56
C GLY A 393 -1.72 -25.37 24.05
N VAL A 394 -2.82 -24.78 24.51
CA VAL A 394 -3.95 -25.56 25.04
C VAL A 394 -4.64 -26.37 23.93
N ILE A 395 -4.90 -27.63 24.25
CA ILE A 395 -5.65 -28.54 23.38
C ILE A 395 -7.13 -28.28 23.60
N VAL A 396 -7.77 -27.59 22.66
CA VAL A 396 -9.16 -27.16 22.83
C VAL A 396 -10.14 -28.32 22.58
N GLN A 397 -11.13 -28.42 23.47
CA GLN A 397 -12.22 -29.40 23.38
C GLN A 397 -13.48 -28.85 22.69
N SER B 46 33.44 4.76 -3.17
CA SER B 46 32.42 5.27 -2.22
C SER B 46 32.69 6.75 -1.89
N ASP B 47 32.61 7.57 -2.94
CA ASP B 47 32.95 8.99 -2.85
C ASP B 47 31.99 9.73 -1.93
N ASN B 48 30.73 9.31 -1.92
CA ASN B 48 29.71 9.93 -1.08
C ASN B 48 30.02 9.84 0.40
N GLU B 49 30.35 8.63 0.86
CA GLU B 49 30.65 8.43 2.28
C GLU B 49 31.99 9.06 2.64
N LYS B 50 32.96 8.96 1.74
CA LYS B 50 34.25 9.63 1.93
C LYS B 50 34.04 11.10 2.28
N TYR B 51 33.20 11.79 1.51
CA TYR B 51 32.89 13.20 1.77
C TYR B 51 32.16 13.42 3.08
N LEU B 52 31.12 12.62 3.32
CA LEU B 52 30.25 12.79 4.48
C LEU B 52 30.96 12.50 5.80
N VAL B 53 31.79 11.46 5.82
CA VAL B 53 32.53 11.09 7.03
C VAL B 53 33.44 12.24 7.43
N ASP B 54 34.16 12.80 6.46
CA ASP B 54 35.10 13.90 6.72
C ASP B 54 34.36 15.17 7.12
N ARG B 55 33.22 15.40 6.49
CA ARG B 55 32.35 16.53 6.80
C ARG B 55 31.86 16.48 8.24
N ASN B 56 31.53 15.28 8.73
CA ASN B 56 30.93 15.10 10.04
C ASN B 56 31.91 14.60 11.11
N LYS B 57 33.20 14.91 10.98
CA LYS B 57 34.19 14.49 11.99
C LYS B 57 33.96 15.17 13.34
N GLU B 58 33.86 16.49 13.33
CA GLU B 58 33.67 17.28 14.55
C GLU B 58 32.25 17.85 14.65
N PRO B 62 22.22 18.00 15.75
CA PRO B 62 21.56 19.26 15.36
C PRO B 62 20.76 19.88 16.50
N SER B 63 20.50 21.18 16.40
CA SER B 63 19.79 21.90 17.45
C SER B 63 18.36 21.37 17.65
N LYS B 64 17.90 21.42 18.89
CA LYS B 64 16.57 20.92 19.25
C LYS B 64 15.50 21.86 18.69
N LEU B 65 14.51 21.29 18.01
CA LEU B 65 13.40 22.06 17.45
C LEU B 65 12.20 21.97 18.39
N LYS B 66 11.50 23.09 18.55
CA LYS B 66 10.35 23.16 19.45
C LYS B 66 9.02 22.98 18.70
N GLU B 67 8.01 22.51 19.40
CA GLU B 67 6.66 22.38 18.84
C GLU B 67 6.11 23.79 18.58
N VAL B 68 5.42 23.94 17.46
CA VAL B 68 4.71 25.16 17.14
C VAL B 68 3.28 24.76 16.81
N TYR B 69 2.35 25.17 17.66
CA TYR B 69 0.94 24.86 17.46
C TYR B 69 0.12 25.78 18.34
N ASN B 70 -0.67 26.62 17.70
CA ASN B 70 -1.50 27.58 18.39
C ASN B 70 -2.95 27.15 18.29
N SER B 71 -3.44 26.47 19.34
CA SER B 71 -4.82 25.99 19.36
C SER B 71 -5.84 27.12 19.33
N LYS B 72 -5.39 28.34 19.63
CA LYS B 72 -6.25 29.52 19.54
C LYS B 72 -6.49 29.97 18.10
N ASP B 73 -5.78 29.41 17.12
CA ASP B 73 -6.03 29.70 15.70
C ASP B 73 -6.86 28.57 15.08
N PRO B 74 -8.17 28.82 14.84
CA PRO B 74 -9.12 27.79 14.39
C PRO B 74 -8.65 26.88 13.27
N LYS B 75 -7.94 27.44 12.28
CA LYS B 75 -7.41 26.63 11.17
C LYS B 75 -6.59 25.46 11.68
N TYR B 76 -5.58 25.79 12.49
CA TYR B 76 -4.58 24.84 12.95
C TYR B 76 -5.14 23.94 14.03
N LYS B 77 -6.08 24.45 14.82
CA LYS B 77 -6.80 23.62 15.79
C LYS B 77 -7.57 22.52 15.07
N LYS B 78 -8.19 22.88 13.96
CA LYS B 78 -8.97 21.96 13.14
C LYS B 78 -8.06 20.89 12.54
N ILE B 79 -6.87 21.30 12.12
CA ILE B 79 -5.89 20.38 11.54
C ILE B 79 -5.41 19.40 12.60
N ASP B 80 -4.97 19.94 13.74
CA ASP B 80 -4.49 19.12 14.84
C ASP B 80 -5.57 18.13 15.27
N LYS B 81 -6.79 18.63 15.41
CA LYS B 81 -7.91 17.79 15.82
C LYS B 81 -8.12 16.65 14.84
N TYR B 82 -8.01 16.97 13.55
CA TYR B 82 -8.13 15.95 12.52
C TYR B 82 -7.01 14.92 12.64
N LEU B 83 -5.78 15.41 12.74
CA LEU B 83 -4.61 14.52 12.83
C LEU B 83 -4.66 13.61 14.07
N GLN B 84 -5.14 14.13 15.19
CA GLN B 84 -5.27 13.33 16.40
C GLN B 84 -6.37 12.28 16.26
N SER B 85 -7.56 12.70 15.87
CA SER B 85 -8.69 11.77 15.81
C SER B 85 -8.60 10.77 14.64
N SER B 86 -7.78 11.08 13.64
CA SER B 86 -7.51 10.14 12.55
C SER B 86 -6.32 9.20 12.84
N LEU B 87 -5.76 9.28 14.04
CA LEU B 87 -4.69 8.37 14.50
C LEU B 87 -3.40 8.52 13.68
N PHE B 88 -3.17 9.73 13.19
CA PHE B 88 -1.98 10.05 12.40
C PHE B 88 -0.72 9.72 13.20
N ASN B 89 0.20 8.97 12.59
CA ASN B 89 1.49 8.69 13.20
C ASN B 89 2.59 9.25 12.30
N GLY B 90 3.13 10.40 12.71
CA GLY B 90 4.16 11.08 11.95
C GLY B 90 4.29 12.52 12.39
N SER B 91 4.58 13.42 11.45
CA SER B 91 4.84 14.82 11.77
C SER B 91 4.31 15.76 10.69
N VAL B 92 3.93 16.95 11.13
CA VAL B 92 3.41 17.96 10.24
C VAL B 92 4.22 19.25 10.38
N ALA B 93 4.34 19.97 9.27
CA ALA B 93 4.88 21.32 9.27
C ALA B 93 4.13 22.15 8.25
N ILE B 94 3.69 23.34 8.67
CA ILE B 94 2.94 24.22 7.79
C ILE B 94 3.52 25.62 7.85
N TYR B 95 3.88 26.14 6.67
CA TYR B 95 4.36 27.50 6.52
C TYR B 95 3.28 28.38 5.91
N GLU B 96 3.08 29.55 6.49
CA GLU B 96 2.13 30.52 5.98
C GLU B 96 2.85 31.82 5.65
N ASN B 97 2.80 32.22 4.39
CA ASN B 97 3.53 33.40 3.93
C ASN B 97 4.97 33.40 4.43
N GLY B 98 5.63 32.24 4.32
CA GLY B 98 7.04 32.11 4.66
C GLY B 98 7.33 31.78 6.11
N LYS B 99 6.35 31.96 6.99
CA LYS B 99 6.56 31.72 8.42
C LYS B 99 6.07 30.34 8.85
N LEU B 100 6.79 29.71 9.76
CA LEU B 100 6.38 28.45 10.35
C LEU B 100 5.26 28.71 11.35
N LYS B 101 4.04 28.30 11.01
CA LYS B 101 2.87 28.47 11.87
C LYS B 101 2.48 27.20 12.61
N MET B 102 2.95 26.04 12.14
CA MET B 102 2.67 24.78 12.80
C MET B 102 3.79 23.78 12.56
N SER B 103 4.20 23.11 13.64
CA SER B 103 5.22 22.07 13.59
C SER B 103 4.95 21.14 14.76
N LYS B 104 4.55 19.91 14.48
CA LYS B 104 4.12 19.00 15.54
C LYS B 104 4.24 17.54 15.14
N GLY B 105 4.69 16.73 16.09
CA GLY B 105 4.82 15.28 15.90
C GLY B 105 3.69 14.55 16.58
N TYR B 106 3.28 13.43 15.99
CA TYR B 106 2.19 12.62 16.50
C TYR B 106 2.61 11.15 16.51
N GLY B 107 2.25 10.42 17.56
CA GLY B 107 2.62 9.01 17.66
C GLY B 107 4.12 8.80 17.81
N TYR B 108 4.60 7.65 17.33
CA TYR B 108 5.98 7.20 17.59
C TYR B 108 6.90 7.24 16.38
N GLN B 109 8.12 7.71 16.62
CA GLN B 109 9.22 7.65 15.66
C GLN B 109 9.80 6.24 15.63
N ASP B 110 9.94 5.67 16.83
CA ASP B 110 10.42 4.31 17.01
C ASP B 110 9.49 3.64 18.01
N PHE B 111 8.73 2.66 17.54
CA PHE B 111 7.76 1.95 18.38
C PHE B 111 8.43 0.99 19.34
N GLU B 112 9.60 0.48 18.95
CA GLU B 112 10.31 -0.51 19.76
C GLU B 112 10.99 0.12 20.97
N LYS B 113 11.48 1.34 20.78
CA LYS B 113 12.16 2.07 21.83
C LYS B 113 11.30 3.12 22.47
N GLY B 114 10.07 3.21 22.03
CA GLY B 114 9.09 4.15 22.59
C GLY B 114 9.41 5.62 22.35
N ILE B 115 10.20 5.92 21.32
CA ILE B 115 10.58 7.29 21.01
C ILE B 115 9.43 7.97 20.27
N LYS B 116 8.89 9.04 20.85
CA LYS B 116 7.80 9.81 20.24
C LYS B 116 8.31 10.61 19.06
N ASN B 117 7.43 10.84 18.08
CA ASN B 117 7.71 11.78 16.98
C ASN B 117 7.75 13.21 17.51
N THR B 118 8.83 13.92 17.19
CA THR B 118 8.98 15.31 17.55
C THR B 118 9.25 16.10 16.29
N PRO B 119 9.32 17.45 16.40
CA PRO B 119 9.73 18.23 15.23
C PRO B 119 11.15 17.90 14.76
N ASN B 120 11.97 17.34 15.64
CA ASN B 120 13.33 16.90 15.27
C ASN B 120 13.38 15.62 14.45
N THR B 121 12.30 14.84 14.49
CA THR B 121 12.24 13.59 13.73
C THR B 121 12.40 13.83 12.23
N MET B 122 13.34 13.09 11.64
CA MET B 122 13.64 13.17 10.23
C MET B 122 13.11 11.92 9.55
N PHE B 123 12.36 12.11 8.46
CA PHE B 123 11.70 11.02 7.77
C PHE B 123 12.37 10.75 6.42
N LEU B 124 12.42 9.48 6.04
CA LEU B 124 12.87 9.08 4.73
C LEU B 124 11.97 9.70 3.67
N ILE B 125 12.49 10.65 2.92
CA ILE B 125 11.67 11.39 1.95
C ILE B 125 11.45 10.61 0.66
N GLY B 126 12.20 9.52 0.48
CA GLY B 126 12.07 8.70 -0.72
C GLY B 126 12.13 9.50 -2.00
N SER B 127 11.18 9.24 -2.90
CA SER B 127 11.16 9.84 -4.23
C SER B 127 11.17 11.37 -4.25
N ALA B 128 10.88 12.00 -3.12
CA ALA B 128 10.98 13.45 -3.02
C ALA B 128 12.43 13.95 -3.10
N GLN B 129 13.41 13.07 -2.89
CA GLN B 129 14.82 13.44 -3.12
C GLN B 129 15.10 13.77 -4.58
N LYS B 130 14.30 13.25 -5.50
CA LYS B 130 14.42 13.62 -6.92
C LYS B 130 14.39 15.14 -7.13
N PHE B 131 13.69 15.86 -6.26
CA PHE B 131 13.64 17.33 -6.29
C PHE B 131 15.02 17.91 -6.01
N SER B 132 15.72 17.37 -5.02
CA SER B 132 17.10 17.76 -4.73
C SER B 132 17.99 17.58 -5.96
N THR B 133 17.89 16.40 -6.59
CA THR B 133 18.64 16.07 -7.81
C THR B 133 18.27 17.00 -8.97
N GLY B 134 16.98 17.31 -9.11
CA GLY B 134 16.52 18.23 -10.14
C GLY B 134 17.09 19.63 -9.96
N LEU B 135 17.15 20.09 -8.71
CA LEU B 135 17.71 21.41 -8.40
C LEU B 135 19.19 21.48 -8.79
N LEU B 136 19.92 20.41 -8.51
CA LEU B 136 21.34 20.30 -8.87
C LEU B 136 21.52 20.32 -10.39
N LEU B 137 20.63 19.63 -11.09
CA LEU B 137 20.59 19.64 -12.56
C LEU B 137 20.42 21.05 -13.11
N LYS B 138 19.37 21.73 -12.64
CA LYS B 138 19.08 23.08 -13.08
C LYS B 138 20.26 24.00 -12.78
N GLN B 139 20.84 23.86 -11.59
CA GLN B 139 22.03 24.63 -11.25
C GLN B 139 23.15 24.43 -12.27
N LEU B 140 23.40 23.17 -12.62
CA LEU B 140 24.44 22.84 -13.60
C LEU B 140 24.15 23.41 -15.00
N GLU B 141 22.87 23.48 -15.36
CA GLU B 141 22.44 24.07 -16.62
C GLU B 141 22.77 25.56 -16.67
N GLU B 142 22.48 26.25 -15.57
CA GLU B 142 22.73 27.69 -15.45
C GLU B 142 24.21 28.03 -15.26
N GLU B 143 24.99 27.06 -14.80
CA GLU B 143 26.45 27.19 -14.78
C GLU B 143 27.07 26.90 -16.16
N HIS B 144 26.25 26.45 -17.11
CA HIS B 144 26.66 26.14 -18.47
C HIS B 144 27.62 24.94 -18.53
N LYS B 145 27.37 23.97 -17.66
CA LYS B 145 28.13 22.72 -17.63
C LYS B 145 27.38 21.58 -18.30
N ILE B 146 26.04 21.65 -18.32
CA ILE B 146 25.23 20.67 -19.03
C ILE B 146 24.13 21.36 -19.82
N ASN B 147 23.60 20.67 -20.82
CA ASN B 147 22.41 21.13 -21.52
C ASN B 147 21.37 20.02 -21.49
N ILE B 148 20.15 20.38 -21.11
CA ILE B 148 19.12 19.39 -20.80
C ILE B 148 18.69 18.54 -22.02
N ASN B 149 18.87 19.06 -23.23
CA ASN B 149 18.51 18.32 -24.44
C ASN B 149 19.66 17.50 -25.03
N ASP B 150 20.86 17.63 -24.45
CA ASP B 150 22.00 16.78 -24.82
C ASP B 150 21.84 15.39 -24.20
N PRO B 151 22.43 14.36 -24.84
CA PRO B 151 22.29 12.98 -24.37
C PRO B 151 23.14 12.66 -23.13
N VAL B 152 22.79 11.57 -22.44
CA VAL B 152 23.58 11.14 -21.28
C VAL B 152 24.98 10.73 -21.68
N SER B 153 25.11 10.07 -22.83
CA SER B 153 26.40 9.58 -23.31
C SER B 153 27.44 10.70 -23.42
N LYS B 154 26.99 11.92 -23.68
CA LYS B 154 27.89 13.08 -23.74
C LYS B 154 28.60 13.31 -22.41
N TYR B 155 27.84 13.29 -21.32
CA TYR B 155 28.38 13.57 -19.99
C TYR B 155 28.80 12.31 -19.24
N LEU B 156 28.26 11.16 -19.63
CA LEU B 156 28.53 9.89 -18.98
C LEU B 156 28.86 8.85 -20.05
N PRO B 157 30.06 8.96 -20.67
CA PRO B 157 30.51 8.19 -21.84
C PRO B 157 30.20 6.70 -21.82
N TRP B 158 30.37 6.06 -20.66
CA TRP B 158 30.16 4.61 -20.55
C TRP B 158 28.68 4.20 -20.56
N PHE B 159 27.78 5.11 -20.20
CA PHE B 159 26.35 4.81 -20.26
C PHE B 159 25.87 4.78 -21.71
N LYS B 160 26.15 3.67 -22.39
CA LYS B 160 25.75 3.49 -23.78
C LYS B 160 24.40 2.77 -23.85
N THR B 161 23.63 3.11 -24.88
CA THR B 161 22.26 2.64 -25.02
C THR B 161 21.88 2.56 -26.50
N SER B 162 21.08 1.54 -26.84
CA SER B 162 20.73 1.24 -28.25
C SER B 162 20.31 2.48 -29.04
N LYS B 163 19.60 3.39 -28.37
CA LYS B 163 19.28 4.71 -28.93
C LYS B 163 19.67 5.77 -27.90
N PRO B 164 19.97 7.00 -28.36
CA PRO B 164 20.37 8.04 -27.41
C PRO B 164 19.19 8.52 -26.56
N ILE B 165 19.45 8.77 -25.28
CA ILE B 165 18.46 9.36 -24.38
C ILE B 165 18.91 10.75 -23.91
N PRO B 166 18.17 11.80 -24.32
CA PRO B 166 18.50 13.12 -23.80
C PRO B 166 18.28 13.19 -22.29
N LEU B 167 19.05 14.04 -21.61
CA LEU B 167 18.90 14.24 -20.16
C LEU B 167 17.45 14.56 -19.80
N LYS B 168 16.78 15.32 -20.67
CA LYS B 168 15.40 15.72 -20.46
C LYS B 168 14.45 14.53 -20.34
N ASP B 169 14.68 13.49 -21.15
CA ASP B 169 13.84 12.29 -21.13
C ASP B 169 13.98 11.48 -19.84
N LEU B 170 15.16 11.52 -19.22
CA LEU B 170 15.35 10.94 -17.90
C LEU B 170 14.61 11.77 -16.86
N MET B 171 14.86 13.08 -16.89
CA MET B 171 14.24 14.02 -15.96
C MET B 171 12.72 13.94 -15.98
N LEU B 172 12.14 13.75 -17.16
CA LEU B 172 10.69 13.71 -17.33
C LEU B 172 10.08 12.30 -17.19
N HIS B 173 10.91 11.30 -16.89
CA HIS B 173 10.49 9.89 -16.82
C HIS B 173 9.87 9.39 -18.13
N GLN B 174 10.64 9.48 -19.21
CA GLN B 174 10.21 8.96 -20.52
C GLN B 174 11.40 8.47 -21.33
N SER B 175 12.34 7.82 -20.65
CA SER B 175 13.58 7.36 -21.28
C SER B 175 13.42 6.01 -21.99
N GLY B 176 12.49 5.20 -21.51
CA GLY B 176 12.30 3.85 -22.06
C GLY B 176 13.15 2.81 -21.36
N LEU B 177 13.82 3.20 -20.27
CA LEU B 177 14.62 2.28 -19.48
C LEU B 177 13.68 1.38 -18.68
N TYR B 178 14.06 0.13 -18.53
CA TYR B 178 13.22 -0.78 -17.81
C TYR B 178 13.28 -0.37 -16.36
N LYS B 179 12.12 -0.34 -15.73
CA LYS B 179 11.99 0.05 -14.34
C LYS B 179 13.01 -0.61 -13.45
N TYR B 180 13.81 0.23 -12.83
CA TYR B 180 14.87 -0.18 -11.94
C TYR B 180 14.46 -1.22 -10.95
N LYS B 181 15.26 -2.25 -10.84
CA LYS B 181 14.99 -3.32 -9.93
C LYS B 181 16.21 -3.27 -9.08
N SER B 182 16.06 -2.96 -7.81
CA SER B 182 17.25 -2.87 -6.99
C SER B 182 17.81 -4.18 -6.54
N SER B 183 18.95 -4.08 -5.90
CA SER B 183 19.61 -5.26 -5.35
C SER B 183 20.48 -4.89 -4.14
N LYS B 184 20.54 -5.79 -3.17
CA LYS B 184 21.34 -5.58 -1.96
C LYS B 184 22.83 -5.65 -2.29
N ASP B 185 23.14 -6.37 -3.37
CA ASP B 185 24.51 -6.47 -3.88
C ASP B 185 25.16 -5.11 -4.11
N TYR B 186 24.38 -4.17 -4.65
CA TYR B 186 24.93 -2.88 -5.09
C TYR B 186 25.33 -2.02 -3.90
N LYS B 187 26.62 -1.69 -3.85
CA LYS B 187 27.18 -0.98 -2.70
C LYS B 187 27.20 0.53 -2.89
N ASN B 188 26.95 0.98 -4.12
CA ASN B 188 27.07 2.41 -4.45
C ASN B 188 26.27 2.81 -5.67
N LEU B 189 26.18 4.12 -5.90
CA LEU B 189 25.48 4.68 -7.05
C LEU B 189 26.00 4.09 -8.37
N ASP B 190 27.32 3.97 -8.48
CA ASP B 190 27.97 3.47 -9.69
C ASP B 190 27.46 2.09 -10.11
N GLN B 191 27.43 1.15 -9.18
CA GLN B 191 26.96 -0.21 -9.48
C GLN B 191 25.49 -0.21 -9.89
N ALA B 192 24.68 0.61 -9.23
CA ALA B 192 23.27 0.73 -9.57
C ALA B 192 23.07 1.20 -11.01
N VAL B 193 23.78 2.26 -11.40
CA VAL B 193 23.67 2.81 -12.75
C VAL B 193 24.36 1.94 -13.80
N LYS B 194 25.40 1.22 -13.40
CA LYS B 194 26.03 0.24 -14.29
C LYS B 194 25.13 -1.00 -14.46
N ALA B 195 24.30 -1.27 -13.46
CA ALA B 195 23.30 -2.33 -13.59
C ALA B 195 22.19 -1.90 -14.56
N ILE B 196 21.71 -0.66 -14.43
CA ILE B 196 20.63 -0.17 -15.29
C ILE B 196 21.08 -0.02 -16.74
N GLN B 197 22.37 0.25 -16.96
CA GLN B 197 22.91 0.33 -18.32
C GLN B 197 22.85 -1.03 -19.01
N LYS B 198 23.26 -2.03 -18.24
CA LYS B 198 23.24 -3.40 -18.65
C LYS B 198 21.90 -3.70 -19.28
N ARG B 199 20.80 -3.61 -18.53
CA ARG B 199 19.52 -3.98 -19.16
C ARG B 199 18.98 -3.08 -20.23
N GLY B 200 19.43 -1.86 -20.29
CA GLY B 200 18.96 -1.01 -21.33
C GLY B 200 17.48 -0.73 -21.44
N ILE B 201 17.13 -0.46 -22.67
CA ILE B 201 15.86 0.07 -23.16
C ILE B 201 14.78 -0.99 -23.34
N ASP B 202 13.54 -0.57 -23.12
CA ASP B 202 12.36 -1.37 -23.36
C ASP B 202 11.60 -0.77 -24.54
N PRO B 203 11.64 -1.43 -25.71
CA PRO B 203 10.77 -1.02 -26.82
C PRO B 203 9.28 -0.89 -26.42
N LYS B 204 8.58 0.01 -27.10
CA LYS B 204 7.23 0.47 -26.71
C LYS B 204 7.27 1.55 -25.63
N LYS B 205 8.16 1.40 -24.64
CA LYS B 205 8.40 2.46 -23.64
C LYS B 205 9.48 3.47 -24.10
N TYR B 206 10.10 3.17 -25.24
CA TYR B 206 11.03 4.03 -25.99
C TYR B 206 10.92 5.53 -25.75
N LYS B 207 9.70 6.07 -25.80
CA LYS B 207 9.51 7.52 -25.60
C LYS B 207 8.16 7.89 -24.98
N LYS B 208 7.64 7.02 -24.11
CA LYS B 208 6.43 7.29 -23.36
C LYS B 208 6.71 7.22 -21.86
N HIS B 209 5.78 7.75 -21.08
CA HIS B 209 6.00 7.97 -19.66
C HIS B 209 6.00 6.67 -18.88
N MET B 210 6.92 6.58 -17.93
CA MET B 210 6.96 5.48 -16.98
C MET B 210 7.81 5.91 -15.79
N TYR B 211 7.16 6.10 -14.64
CA TYR B 211 7.86 6.51 -13.43
C TYR B 211 8.92 5.46 -13.11
N ASN B 212 10.10 5.93 -12.71
CA ASN B 212 11.26 5.06 -12.59
C ASN B 212 12.34 5.75 -11.77
N ASP B 213 12.61 5.23 -10.58
CA ASP B 213 13.69 5.74 -9.73
C ASP B 213 15.01 5.75 -10.50
N GLY B 214 15.21 4.73 -11.33
CA GLY B 214 16.43 4.58 -12.15
C GLY B 214 16.81 5.81 -12.94
N ASN B 215 15.81 6.51 -13.50
CA ASN B 215 16.08 7.72 -14.25
C ASN B 215 16.88 8.70 -13.41
N TYR B 216 16.43 8.96 -12.19
CA TYR B 216 17.09 9.93 -11.33
C TYR B 216 18.38 9.41 -10.68
N LEU B 217 18.56 8.09 -10.67
CA LEU B 217 19.85 7.50 -10.30
C LEU B 217 20.90 7.78 -11.39
N VAL B 218 20.51 7.66 -12.66
CA VAL B 218 21.42 8.00 -13.76
C VAL B 218 21.72 9.51 -13.80
N LEU B 219 20.72 10.34 -13.50
CA LEU B 219 20.92 11.80 -13.41
C LEU B 219 21.84 12.17 -12.26
N ALA B 220 21.72 11.46 -11.14
CA ALA B 220 22.62 11.68 -10.01
C ALA B 220 24.07 11.37 -10.39
N LYS B 221 24.27 10.31 -11.18
CA LYS B 221 25.61 9.95 -11.64
C LYS B 221 26.14 10.95 -12.65
N VAL B 222 25.25 11.47 -13.51
CA VAL B 222 25.58 12.55 -14.44
C VAL B 222 26.13 13.76 -13.66
N ILE B 223 25.43 14.11 -12.58
CA ILE B 223 25.86 15.21 -11.71
C ILE B 223 27.26 14.91 -11.18
N GLU B 224 27.48 13.71 -10.68
CA GLU B 224 28.80 13.34 -10.14
C GLU B 224 29.89 13.42 -11.20
N GLU B 225 29.58 12.93 -12.40
CA GLU B 225 30.57 12.86 -13.48
C GLU B 225 30.96 14.23 -14.02
N VAL B 226 29.99 15.12 -14.20
CA VAL B 226 30.24 16.46 -14.75
C VAL B 226 30.96 17.34 -13.74
N THR B 227 30.66 17.17 -12.46
CA THR B 227 31.25 17.97 -11.40
C THR B 227 32.55 17.37 -10.86
N GLY B 228 32.75 16.08 -11.12
CA GLY B 228 33.88 15.35 -10.55
C GLY B 228 33.82 15.27 -9.03
N LYS B 229 32.62 15.37 -8.48
CA LYS B 229 32.43 15.41 -7.03
C LYS B 229 31.22 14.57 -6.67
N SER B 230 31.21 14.06 -5.44
CA SER B 230 30.13 13.18 -4.99
C SER B 230 28.79 13.93 -4.99
N TYR B 231 27.71 13.18 -5.12
CA TYR B 231 26.36 13.74 -5.05
C TYR B 231 26.16 14.46 -3.71
N ALA B 232 26.59 13.80 -2.63
CA ALA B 232 26.48 14.36 -1.28
C ALA B 232 27.16 15.71 -1.16
N GLU B 233 28.33 15.84 -1.77
CA GLU B 233 29.06 17.09 -1.76
C GLU B 233 28.33 18.14 -2.58
N ASN B 234 27.87 17.77 -3.77
CA ASN B 234 27.13 18.69 -4.61
C ASN B 234 25.86 19.16 -3.89
N TYR B 235 25.16 18.26 -3.22
CA TYR B 235 23.97 18.64 -2.46
C TYR B 235 24.28 19.62 -1.33
N TYR B 236 25.30 19.32 -0.52
CA TYR B 236 25.62 20.19 0.62
C TYR B 236 26.17 21.55 0.18
N THR B 237 27.13 21.54 -0.73
CA THR B 237 27.77 22.77 -1.18
C THR B 237 26.80 23.68 -1.96
N LYS B 238 25.92 23.07 -2.75
CA LYS B 238 25.04 23.83 -3.64
C LYS B 238 23.61 24.05 -3.12
N ILE B 239 23.18 23.28 -2.12
CA ILE B 239 21.81 23.41 -1.59
C ILE B 239 21.77 23.36 -0.06
N GLY B 240 22.19 22.24 0.51
CA GLY B 240 22.10 22.00 1.96
C GLY B 240 22.58 23.14 2.83
N ASP B 241 23.82 23.56 2.59
CA ASP B 241 24.46 24.61 3.39
C ASP B 241 24.00 26.03 3.03
N PRO B 242 23.99 26.39 1.72
CA PRO B 242 23.45 27.70 1.33
C PRO B 242 22.06 28.00 1.90
N LEU B 243 21.17 27.00 1.92
CA LEU B 243 19.82 27.21 2.43
C LEU B 243 19.65 26.76 3.89
N LYS B 244 20.77 26.63 4.62
CA LYS B 244 20.77 26.33 6.05
C LYS B 244 19.82 25.20 6.43
N LEU B 245 19.86 24.12 5.66
CA LEU B 245 19.11 22.91 5.97
C LEU B 245 19.94 22.06 6.92
N GLN B 246 19.74 22.29 8.21
CA GLN B 246 20.57 21.70 9.26
C GLN B 246 19.91 20.53 9.97
N HIS B 247 18.71 20.17 9.54
CA HIS B 247 17.97 19.02 10.06
C HIS B 247 17.57 18.11 8.90
N THR B 248 18.48 18.00 7.94
CA THR B 248 18.33 17.18 6.76
C THR B 248 19.64 16.42 6.57
N ALA B 249 19.55 15.12 6.31
CA ALA B 249 20.76 14.32 6.22
C ALA B 249 20.59 13.07 5.36
N PHE B 250 21.73 12.58 4.87
CA PHE B 250 21.78 11.29 4.20
C PHE B 250 21.69 10.19 5.26
N TYR B 251 21.15 9.04 4.87
CA TYR B 251 20.81 7.95 5.78
C TYR B 251 21.88 7.55 6.82
N ASP B 252 23.15 7.63 6.45
CA ASP B 252 24.23 7.10 7.29
C ASP B 252 25.06 8.16 8.03
N GLU B 253 24.64 9.42 8.00
CA GLU B 253 25.36 10.47 8.73
C GLU B 253 25.16 10.28 10.24
N GLN B 254 26.27 10.27 10.97
CA GLN B 254 26.27 9.91 12.39
C GLN B 254 25.48 10.85 13.28
N PRO B 255 25.71 12.17 13.17
CA PRO B 255 25.07 13.09 14.13
C PRO B 255 23.54 13.10 14.09
N PHE B 256 22.94 12.58 13.01
CA PHE B 256 21.49 12.60 12.82
C PHE B 256 20.79 11.27 13.15
N LYS B 257 21.57 10.22 13.43
CA LYS B 257 21.00 8.88 13.63
C LYS B 257 19.92 8.84 14.73
N LYS B 258 20.13 9.63 15.78
CA LYS B 258 19.17 9.78 16.87
C LYS B 258 17.74 10.09 16.41
N TYR B 259 17.63 10.84 15.31
CA TYR B 259 16.35 11.40 14.87
C TYR B 259 15.76 10.73 13.62
N LEU B 260 16.44 9.72 13.07
CA LEU B 260 15.97 9.04 11.86
C LEU B 260 14.78 8.13 12.17
N ALA B 261 13.64 8.43 11.57
CA ALA B 261 12.41 7.69 11.82
C ALA B 261 12.43 6.30 11.23
N LYS B 262 11.72 5.39 11.88
CA LYS B 262 11.54 4.03 11.40
C LYS B 262 10.17 3.94 10.74
N GLY B 263 10.11 3.27 9.60
CA GLY B 263 8.86 3.10 8.86
C GLY B 263 8.22 1.76 9.18
N TYR B 264 6.90 1.70 9.11
CA TYR B 264 6.16 0.50 9.51
C TYR B 264 5.05 0.15 8.53
N ALA B 265 4.67 -1.11 8.52
CA ALA B 265 3.57 -1.53 7.71
C ALA B 265 3.09 -2.85 8.24
N TYR B 266 1.88 -2.90 8.78
CA TYR B 266 1.33 -4.16 9.25
C TYR B 266 0.87 -4.84 7.99
N ASN B 267 1.56 -5.92 7.58
CA ASN B 267 1.19 -6.53 6.34
C ASN B 267 0.25 -7.64 6.73
N SER B 268 0.66 -8.39 7.74
CA SER B 268 -0.06 -9.50 8.34
C SER B 268 0.74 -9.91 9.58
N THR B 269 0.04 -10.24 10.64
CA THR B 269 0.69 -10.62 11.90
C THR B 269 1.43 -9.45 12.58
N GLY B 270 0.75 -8.31 12.69
CA GLY B 270 1.26 -7.17 13.47
C GLY B 270 2.05 -6.12 12.72
N LEU B 271 2.35 -5.05 13.46
CA LEU B 271 3.09 -3.90 12.96
C LEU B 271 4.57 -4.24 12.88
N SER B 272 5.18 -4.11 11.70
CA SER B 272 6.59 -4.52 11.52
C SER B 272 7.45 -3.45 10.82
N PHE B 273 8.67 -3.30 11.33
CA PHE B 273 9.63 -2.31 10.85
C PHE B 273 10.29 -2.75 9.55
N LEU B 274 10.21 -1.88 8.54
CA LEU B 274 10.81 -2.12 7.23
C LEU B 274 12.18 -1.43 7.15
N ARG B 275 13.24 -2.20 7.38
CA ARG B 275 14.60 -1.65 7.42
C ARG B 275 15.09 -1.31 6.02
N PRO B 276 15.50 -0.05 5.78
CA PRO B 276 16.15 0.27 4.52
C PRO B 276 17.45 -0.51 4.33
N ASN B 277 17.55 -1.23 3.22
CA ASN B 277 18.66 -2.15 2.96
C ASN B 277 19.39 -1.84 1.64
N ILE B 278 19.01 -0.76 0.97
CA ILE B 278 19.52 -0.42 -0.36
C ILE B 278 19.85 1.07 -0.56
N LEU B 279 19.88 1.83 0.53
CA LEU B 279 20.03 3.28 0.44
C LEU B 279 21.45 3.71 0.05
N ASP B 280 22.41 2.80 0.17
CA ASP B 280 23.77 3.02 -0.34
C ASP B 280 23.84 3.17 -1.87
N GLN B 281 22.86 2.60 -2.59
CA GLN B 281 22.80 2.65 -4.05
C GLN B 281 21.75 3.65 -4.55
N TYR B 282 21.12 4.38 -3.63
CA TYR B 282 19.96 5.22 -3.96
C TYR B 282 20.22 6.72 -3.82
N TYR B 283 21.46 7.14 -4.05
CA TYR B 283 21.82 8.55 -3.99
C TYR B 283 21.15 9.32 -5.11
N GLY B 284 20.20 10.17 -4.74
CA GLY B 284 19.50 11.03 -5.70
C GLY B 284 18.06 10.65 -5.97
N ALA B 285 17.68 9.41 -5.63
CA ALA B 285 16.30 8.93 -5.86
C ALA B 285 15.56 8.50 -4.58
N GLY B 286 16.18 8.74 -3.42
CA GLY B 286 15.47 8.58 -2.14
C GLY B 286 16.22 7.91 -1.00
N ASN B 287 17.38 8.44 -0.63
CA ASN B 287 18.10 8.01 0.57
C ASN B 287 18.36 9.20 1.51
N LEU B 288 17.53 10.23 1.42
CA LEU B 288 17.67 11.42 2.26
C LEU B 288 16.59 11.49 3.33
N TYR B 289 16.97 11.96 4.52
CA TYR B 289 16.04 12.13 5.65
C TYR B 289 15.88 13.61 5.98
N MET B 290 14.64 14.06 6.14
CA MET B 290 14.34 15.47 6.41
C MET B 290 13.31 15.63 7.50
N THR B 291 13.48 16.65 8.35
CA THR B 291 12.38 17.15 9.17
C THR B 291 11.44 17.89 8.24
N PRO B 292 10.12 17.77 8.47
CA PRO B 292 9.15 18.55 7.70
C PRO B 292 9.45 20.07 7.66
N THR B 293 9.97 20.61 8.75
CA THR B 293 10.30 22.04 8.81
C THR B 293 11.35 22.42 7.75
N ASP B 294 12.40 21.59 7.63
CA ASP B 294 13.45 21.82 6.62
C ASP B 294 12.91 21.79 5.19
N MET B 295 11.97 20.90 4.93
CA MET B 295 11.35 20.79 3.61
C MET B 295 10.59 22.07 3.25
N GLY B 296 9.85 22.60 4.21
CA GLY B 296 9.18 23.89 4.03
C GLY B 296 10.19 25.02 3.88
N LYS B 297 11.23 24.98 4.72
CA LYS B 297 12.31 25.95 4.65
C LYS B 297 12.98 25.95 3.26
N LEU B 298 13.13 24.77 2.68
CA LEU B 298 13.70 24.62 1.34
C LEU B 298 12.82 25.26 0.26
N ILE B 299 11.54 24.91 0.28
CA ILE B 299 10.60 25.37 -0.74
C ILE B 299 10.34 26.86 -0.65
N THR B 300 10.15 27.38 0.56
CA THR B 300 9.90 28.81 0.73
C THR B 300 11.07 29.66 0.26
N GLN B 301 12.28 29.19 0.52
CA GLN B 301 13.50 29.89 0.09
C GLN B 301 13.68 29.87 -1.43
N ILE B 302 13.36 28.75 -2.05
CA ILE B 302 13.38 28.66 -3.52
C ILE B 302 12.31 29.59 -4.09
N GLN B 303 11.13 29.59 -3.48
CA GLN B 303 10.06 30.51 -3.86
C GLN B 303 10.51 31.97 -3.79
N GLN B 304 11.38 32.25 -2.82
CA GLN B 304 11.95 33.60 -2.64
C GLN B 304 13.21 33.86 -3.47
N TYR B 305 13.46 33.02 -4.47
CA TYR B 305 14.55 33.22 -5.43
C TYR B 305 15.95 33.17 -4.79
N LYS B 306 16.16 32.16 -3.95
CA LYS B 306 17.44 32.00 -3.26
C LYS B 306 18.37 30.98 -3.93
N LEU B 307 17.86 30.22 -4.90
CA LEU B 307 18.72 29.36 -5.72
C LEU B 307 18.85 29.87 -7.14
N PHE B 308 17.77 30.44 -7.69
CA PHE B 308 17.79 30.99 -9.05
C PHE B 308 17.07 32.33 -9.11
N SER B 309 17.36 33.09 -10.17
CA SER B 309 16.62 34.32 -10.47
C SER B 309 15.14 34.02 -10.75
N PRO B 310 14.29 35.06 -10.69
CA PRO B 310 12.86 34.84 -10.98
C PRO B 310 12.57 34.27 -12.38
N LYS B 311 13.32 34.72 -13.38
CA LYS B 311 13.17 34.22 -14.76
C LYS B 311 13.48 32.72 -14.92
N ILE B 312 14.26 32.16 -14.01
CA ILE B 312 14.51 30.71 -13.96
C ILE B 312 13.51 30.03 -13.02
N THR B 313 13.31 30.60 -11.84
CA THR B 313 12.48 29.99 -10.81
C THR B 313 11.01 29.91 -11.18
N ASN B 314 10.45 31.00 -11.71
CA ASN B 314 9.01 31.06 -11.98
C ASN B 314 8.54 29.92 -12.91
N PRO B 315 9.17 29.76 -14.09
CA PRO B 315 8.77 28.64 -14.95
C PRO B 315 9.05 27.28 -14.34
N LEU B 316 10.21 27.13 -13.69
CA LEU B 316 10.55 25.89 -13.01
C LEU B 316 9.43 25.48 -12.07
N LEU B 317 8.92 26.45 -11.30
CA LEU B 317 7.87 26.20 -10.31
C LEU B 317 6.44 26.23 -10.86
N HIS B 318 6.19 26.95 -11.95
CA HIS B 318 4.79 27.23 -12.36
C HIS B 318 4.39 26.98 -13.83
N GLU B 319 5.35 26.84 -14.73
CA GLU B 319 5.03 26.63 -16.13
C GLU B 319 4.77 25.16 -16.40
N PHE B 320 3.62 24.85 -16.98
CA PHE B 320 3.35 23.48 -17.45
C PHE B 320 2.46 23.47 -18.69
N GLY B 321 2.67 22.48 -19.54
CA GLY B 321 1.96 22.36 -20.81
C GLY B 321 2.63 23.16 -21.92
N THR B 322 3.96 23.22 -21.87
CA THR B 322 4.75 23.97 -22.83
C THR B 322 5.88 23.11 -23.39
N LYS B 323 6.43 23.51 -24.52
CA LYS B 323 7.58 22.81 -25.10
C LYS B 323 8.63 22.50 -24.02
N GLN B 324 8.94 23.51 -23.21
CA GLN B 324 9.98 23.40 -22.18
C GLN B 324 9.54 22.52 -21.02
N TYR B 325 8.35 22.81 -20.51
CA TYR B 325 7.76 22.06 -19.39
C TYR B 325 6.43 21.44 -19.83
N PRO B 326 6.49 20.34 -20.60
CA PRO B 326 5.29 19.73 -21.20
C PRO B 326 4.34 19.09 -20.20
N ASP B 327 4.89 18.51 -19.13
CA ASP B 327 4.09 17.82 -18.14
C ASP B 327 4.05 18.60 -16.83
N GLU B 328 3.17 18.16 -15.93
CA GLU B 328 3.11 18.72 -14.58
C GLU B 328 4.41 18.42 -13.85
N TYR B 329 4.94 17.23 -14.11
CA TYR B 329 6.19 16.79 -13.50
C TYR B 329 7.39 17.48 -14.13
N ARG B 330 8.30 17.96 -13.28
CA ARG B 330 9.60 18.42 -13.73
C ARG B 330 10.58 18.45 -12.56
N TYR B 331 11.84 18.13 -12.84
CA TYR B 331 12.92 18.24 -11.86
C TYR B 331 12.54 17.69 -10.48
N GLY B 332 11.89 16.52 -10.48
CA GLY B 332 11.57 15.81 -9.24
C GLY B 332 10.29 16.19 -8.52
N PHE B 333 9.44 17.02 -9.13
CA PHE B 333 8.20 17.47 -8.48
C PHE B 333 7.13 17.87 -9.46
N TYR B 334 5.93 18.11 -8.94
CA TYR B 334 4.75 18.38 -9.77
C TYR B 334 4.29 19.82 -9.65
N ALA B 335 4.08 20.47 -10.79
CA ALA B 335 3.36 21.74 -10.85
C ALA B 335 1.98 21.42 -11.39
N LYS B 336 0.96 21.58 -10.54
CA LYS B 336 -0.41 21.24 -10.90
C LYS B 336 -1.29 22.50 -10.95
N PRO B 337 -2.54 22.37 -11.40
CA PRO B 337 -3.42 23.54 -11.50
C PRO B 337 -3.65 24.33 -10.22
N THR B 338 -3.90 23.65 -9.10
CA THR B 338 -4.24 24.33 -7.85
C THR B 338 -3.11 24.33 -6.84
N LEU B 339 -2.00 23.67 -7.16
CA LEU B 339 -0.96 23.40 -6.17
C LEU B 339 0.29 22.81 -6.81
N ASN B 340 1.40 22.90 -6.07
CA ASN B 340 2.62 22.15 -6.40
C ASN B 340 2.74 21.01 -5.40
N ARG B 341 3.22 19.87 -5.87
CA ARG B 341 3.22 18.65 -5.07
C ARG B 341 4.55 17.92 -5.11
N LEU B 342 5.00 17.46 -3.94
CA LEU B 342 6.07 16.47 -3.83
C LEU B 342 5.54 15.26 -3.07
N ASN B 343 6.09 14.09 -3.36
CA ASN B 343 5.71 12.88 -2.67
C ASN B 343 6.76 11.77 -2.84
N GLY B 344 7.05 11.07 -1.76
CA GLY B 344 7.90 9.89 -1.80
C GLY B 344 7.40 8.81 -0.86
N GLY B 345 7.28 7.60 -1.37
CA GLY B 345 6.83 6.45 -0.58
C GLY B 345 7.94 5.40 -0.54
N PHE B 346 8.49 5.15 0.64
CA PHE B 346 9.69 4.34 0.73
C PHE B 346 9.84 3.72 2.12
N PHE B 347 10.12 2.42 2.14
CA PHE B 347 10.29 1.66 3.38
C PHE B 347 9.37 2.08 4.52
N GLY B 348 8.06 1.92 4.28
CA GLY B 348 7.03 2.15 5.29
C GLY B 348 6.77 3.60 5.66
N GLN B 349 7.34 4.54 4.91
CA GLN B 349 7.16 5.95 5.18
C GLN B 349 6.54 6.63 3.98
N VAL B 350 5.86 7.75 4.22
CA VAL B 350 5.30 8.56 3.15
C VAL B 350 5.57 10.00 3.47
N PHE B 351 6.18 10.71 2.52
CA PHE B 351 6.60 12.09 2.70
C PHE B 351 5.97 12.92 1.59
N THR B 352 5.02 13.77 1.96
CA THR B 352 4.20 14.45 0.97
C THR B 352 4.17 15.95 1.25
N VAL B 353 4.15 16.73 0.18
CA VAL B 353 4.17 18.19 0.26
C VAL B 353 3.15 18.74 -0.72
N TYR B 354 2.23 19.55 -0.21
CA TYR B 354 1.35 20.34 -1.05
C TYR B 354 1.69 21.78 -0.76
N TYR B 355 1.86 22.60 -1.79
CA TYR B 355 2.08 24.03 -1.55
C TYR B 355 1.63 24.95 -2.66
N ASN B 356 1.50 26.22 -2.29
CA ASN B 356 1.28 27.32 -3.22
C ASN B 356 2.01 28.56 -2.70
N ASP B 357 1.58 29.76 -3.08
CA ASP B 357 2.28 30.97 -2.66
C ASP B 357 1.96 31.42 -1.23
N LYS B 358 0.96 30.82 -0.59
CA LYS B 358 0.61 31.14 0.79
C LYS B 358 1.05 30.03 1.75
N TYR B 359 0.66 28.79 1.46
CA TYR B 359 0.93 27.68 2.35
C TYR B 359 1.94 26.69 1.76
N VAL B 360 2.82 26.20 2.62
CA VAL B 360 3.58 24.99 2.32
C VAL B 360 3.22 23.98 3.40
N VAL B 361 2.56 22.91 2.99
CA VAL B 361 2.09 21.87 3.91
C VAL B 361 2.95 20.63 3.69
N VAL B 362 3.69 20.23 4.73
CA VAL B 362 4.56 19.07 4.68
C VAL B 362 4.03 18.06 5.68
N LEU B 363 3.68 16.86 5.19
CA LEU B 363 3.08 15.84 6.03
C LEU B 363 3.88 14.55 5.91
N ALA B 364 4.51 14.15 7.02
CA ALA B 364 5.36 12.96 7.03
C ALA B 364 4.72 11.84 7.84
N LEU B 365 4.62 10.66 7.23
CA LEU B 365 3.95 9.54 7.84
C LEU B 365 4.89 8.33 7.89
N ASN B 366 5.16 7.82 9.10
CA ASN B 366 6.06 6.67 9.26
C ASN B 366 5.37 5.35 9.60
N VAL B 367 4.04 5.35 9.65
CA VAL B 367 3.26 4.11 9.57
C VAL B 367 2.51 4.16 8.24
N LYS B 368 2.81 3.21 7.37
CA LYS B 368 2.32 3.25 6.00
C LYS B 368 0.79 3.33 5.97
N GLY B 369 0.29 4.18 5.10
CA GLY B 369 -1.14 4.37 4.95
C GLY B 369 -1.39 5.47 3.95
N ASN B 370 -2.63 5.94 3.90
CA ASN B 370 -3.03 6.92 2.90
C ASN B 370 -2.69 8.34 3.36
N ASN B 371 -1.55 8.86 2.93
CA ASN B 371 -1.13 10.20 3.30
C ASN B 371 -1.82 11.26 2.42
N GLU B 372 -2.21 10.88 1.20
CA GLU B 372 -2.74 11.83 0.23
C GLU B 372 -4.09 12.37 0.64
N VAL B 373 -4.94 11.49 1.14
CA VAL B 373 -6.25 11.90 1.60
C VAL B 373 -6.08 12.89 2.75
N ARG B 374 -5.06 12.68 3.58
CA ARG B 374 -4.84 13.55 4.73
C ARG B 374 -4.42 14.95 4.29
N ILE B 375 -3.38 15.02 3.46
CA ILE B 375 -2.83 16.30 3.02
C ILE B 375 -3.84 17.06 2.16
N LYS B 376 -4.68 16.36 1.42
CA LYS B 376 -5.74 16.99 0.64
C LYS B 376 -6.76 17.63 1.56
N HIS B 377 -7.14 16.89 2.60
CA HIS B 377 -8.13 17.36 3.53
C HIS B 377 -7.64 18.62 4.22
N ILE B 378 -6.35 18.68 4.51
CA ILE B 378 -5.75 19.86 5.14
C ILE B 378 -5.70 21.04 4.17
N TYR B 379 -5.20 20.79 2.97
CA TYR B 379 -4.99 21.84 1.99
C TYR B 379 -6.30 22.35 1.37
N ASN B 380 -7.16 21.43 0.95
CA ASN B 380 -8.40 21.78 0.27
C ASN B 380 -9.53 22.06 1.26
N ASP B 381 -9.76 21.17 2.21
CA ASP B 381 -10.95 21.30 3.06
C ASP B 381 -10.75 22.29 4.19
N ILE B 382 -9.66 22.15 4.95
CA ILE B 382 -9.46 23.02 6.11
C ILE B 382 -8.88 24.37 5.72
N LEU B 383 -7.76 24.38 5.01
CA LEU B 383 -7.14 25.63 4.57
C LEU B 383 -7.80 26.27 3.35
N LYS B 384 -8.69 25.54 2.68
CA LYS B 384 -9.50 26.05 1.55
C LYS B 384 -8.66 26.63 0.41
N GLN B 385 -7.66 25.87 -0.01
CA GLN B 385 -6.73 26.29 -1.08
C GLN B 385 -7.03 25.62 -2.42
N ASN B 386 -8.21 25.03 -2.57
CA ASN B 386 -8.58 24.45 -3.83
C ASN B 386 -8.98 25.59 -4.78
N LYS B 387 -7.99 26.18 -5.44
CA LYS B 387 -8.23 27.33 -6.30
C LYS B 387 -7.06 27.52 -7.27
N PRO B 388 -7.30 28.20 -8.41
CA PRO B 388 -6.29 28.28 -9.47
C PRO B 388 -4.96 28.77 -8.96
N TYR B 389 -3.89 28.12 -9.40
CA TYR B 389 -2.53 28.47 -8.98
C TYR B 389 -1.60 28.56 -10.18
N ASN B 390 -1.48 27.47 -10.94
CA ASN B 390 -0.72 27.44 -12.18
C ASN B 390 -1.68 27.30 -13.35
N THR B 391 -1.28 27.83 -14.51
CA THR B 391 -2.13 27.83 -15.69
C THR B 391 -1.48 27.02 -16.80
N LYS B 392 -2.16 25.95 -17.21
CA LYS B 392 -1.70 25.06 -18.26
C LYS B 392 -1.54 25.81 -19.57
N GLY B 393 -0.38 25.66 -20.22
CA GLY B 393 -0.13 26.25 -21.54
C GLY B 393 0.57 27.60 -21.54
N VAL B 394 0.37 28.39 -20.49
CA VAL B 394 0.93 29.74 -20.41
C VAL B 394 2.45 29.71 -20.27
N ILE B 395 3.13 30.54 -21.06
CA ILE B 395 4.57 30.73 -20.95
C ILE B 395 4.84 31.71 -19.82
N VAL B 396 5.27 31.21 -18.67
CA VAL B 396 5.34 32.07 -17.48
C VAL B 396 6.62 32.91 -17.47
N GLN B 397 6.46 34.18 -17.11
CA GLN B 397 7.55 35.15 -17.15
C GLN B 397 8.45 34.99 -15.92
#